data_9MMV
#
_entry.id   9MMV
#
_cell.length_a   1.00
_cell.length_b   1.00
_cell.length_c   1.00
_cell.angle_alpha   90.00
_cell.angle_beta   90.00
_cell.angle_gamma   90.00
#
_symmetry.space_group_name_H-M   'P 1'
#
loop_
_entity.id
_entity.type
_entity.pdbx_description
1 polymer '1D4 heavy chain'
2 polymer '1D4 light chain'
3 polymer 'RB1 heavy chain'
4 polymer 'RB1 light chain'
#
loop_
_entity_poly.entity_id
_entity_poly.type
_entity_poly.pdbx_seq_one_letter_code
_entity_poly.pdbx_strand_id
1 'polypeptide(L)'
;QVQLVESGGGLVQPGGSLRLSCAASGFTFSSSGLHWVRQAPGKGLEWVSGIDSSSSTTYYADSVKGRFTISRDNSKNTLY
LQMNSLRAEDTAVYYCARYYFDVWGQGTLVTVSSASTKGPSVFPLAPSSKSTSGGTAALGCLVKDYFPEPVTVSWNSGAL
TSGVHTFPAVLQSSGLYSLSSVVTVPSSSLGTQTYICNVNHKPSNTKVDKKVEPKSCD
;
H
2 'polypeptide(L)'
;DIELTQPPSVSVAPGQTARISCSGDSIGTYAYWYQQKPGQAPVLVIYADDNRPSGIPERFSGSNSGNTATLTISGTQAED
EADYYCSSWATDNAPVFGGGTKLTVLGQPKAAPSVTLFPPSSEELQANKATLVCLISDFYPGAVTVAWKADSSPVKAGVE
TTTPSKQSNNKYAASSYLSLTPEQWKSHRSYSCQVTHEGSTVEKTVAPTECS
;
L
3 'polypeptide(L)'
;EVQLVESGGGLVRPGRSLRLSCTVSGFSFDDSAMSWVRQAPGKGLEWISFIKSKTYGGTKEYAASVKGRFTISRDDSKNI
AYLQMNSLKTEDTAVYYCTRGAPYGGNSDYYYGLDVWGQGTTVTVSSASTKGPSVFPLAPSSKSTSGGTAALGCLVKDYF
PEPVTVSWNSGALTSGVHTFPAVLQSSGLYSLSSVVTVPSSSLGTQTYICNVNHKPSNTKVDKKVEPKSCD
;
M
4 'polypeptide(L)'
;DIQMTQSPSSLSASVGDRVTITCRTSQDVRGALAWYQQKPGKAPKLLIFDASSLETGVPSRFSGSGSGTVFTLTISSLQP
EDFAAYYCQQFLDFPFTFGQGTRLEIKRTVAAPSVFIFPPSDEQLKSGTASVVCLLNNFYPREAKVQWKVDNALQSGNSQ
ESVTEQDSKDSTYSLSSTLTLSKADYEKHKVYACEVTHQGLSSPVTKSFNRGEC
;
N
#
# COMPACT_ATOMS: atom_id res chain seq x y z
N GLN A 1 -0.88 12.19 16.58
CA GLN A 1 -1.13 12.98 15.38
C GLN A 1 0.12 13.74 14.98
N VAL A 2 0.21 14.07 13.69
CA VAL A 2 1.32 14.86 13.15
C VAL A 2 0.74 16.17 12.65
N GLN A 3 1.19 17.27 13.22
CA GLN A 3 0.64 18.59 12.97
C GLN A 3 1.72 19.52 12.46
N LEU A 4 1.38 20.34 11.47
CA LEU A 4 2.29 21.32 10.90
C LEU A 4 1.62 22.68 10.90
N VAL A 5 2.35 23.69 11.37
CA VAL A 5 1.88 25.07 11.38
C VAL A 5 2.94 25.95 10.75
N GLU A 6 2.54 26.78 9.80
CA GLU A 6 3.45 27.68 9.11
C GLU A 6 2.99 29.12 9.30
N SER A 7 3.95 30.03 9.33
CA SER A 7 3.68 31.44 9.58
C SER A 7 4.79 32.26 8.92
N GLY A 8 4.85 33.54 9.28
CA GLY A 8 5.88 34.42 8.79
C GLY A 8 5.64 35.01 7.42
N GLY A 9 4.48 34.75 6.82
CA GLY A 9 4.16 35.27 5.51
C GLY A 9 3.27 36.51 5.58
N GLY A 10 3.48 37.42 4.65
CA GLY A 10 2.70 38.64 4.60
C GLY A 10 2.92 39.35 3.28
N LEU A 11 2.22 40.47 3.14
CA LEU A 11 2.34 41.28 1.94
C LEU A 11 3.70 41.96 1.89
N VAL A 12 4.42 41.78 0.78
CA VAL A 12 5.74 42.37 0.61
C VAL A 12 5.80 43.05 -0.75
N GLN A 13 6.69 44.03 -0.86
CA GLN A 13 6.92 44.68 -2.15
C GLN A 13 7.62 43.71 -3.10
N PRO A 14 7.44 43.89 -4.41
CA PRO A 14 8.15 43.03 -5.36
C PRO A 14 9.65 43.14 -5.18
N GLY A 15 10.32 41.98 -5.25
CA GLY A 15 11.75 41.93 -5.06
C GLY A 15 12.22 41.92 -3.62
N GLY A 16 11.32 41.91 -2.66
CA GLY A 16 11.69 41.97 -1.26
C GLY A 16 12.29 40.69 -0.72
N SER A 17 12.16 40.48 0.59
CA SER A 17 12.69 39.30 1.25
C SER A 17 11.64 38.71 2.18
N LEU A 18 11.58 37.38 2.23
CA LEU A 18 10.60 36.70 3.06
C LEU A 18 11.19 35.40 3.57
N ARG A 19 10.83 35.06 4.82
CA ARG A 19 11.25 33.80 5.43
C ARG A 19 10.01 33.13 6.02
N LEU A 20 9.75 31.89 5.60
CA LEU A 20 8.61 31.13 6.06
C LEU A 20 9.09 29.99 6.94
N SER A 21 8.43 29.81 8.09
CA SER A 21 8.83 28.84 9.09
C SER A 21 7.77 27.77 9.26
N CYS A 22 8.19 26.52 9.27
CA CYS A 22 7.33 25.37 9.55
C CYS A 22 7.63 24.83 10.93
N ALA A 23 6.59 24.64 11.74
CA ALA A 23 6.70 24.01 13.04
C ALA A 23 6.16 22.59 12.96
N ALA A 24 6.94 21.63 13.45
CA ALA A 24 6.60 20.23 13.37
C ALA A 24 6.45 19.64 14.77
N SER A 25 5.36 18.92 14.99
CA SER A 25 5.12 18.25 16.26
C SER A 25 4.56 16.86 15.99
N GLY A 26 4.96 15.91 16.83
CA GLY A 26 4.45 14.56 16.77
C GLY A 26 5.31 13.58 15.99
N PHE A 27 6.22 14.06 15.16
CA PHE A 27 7.10 13.19 14.40
C PHE A 27 8.51 13.75 14.43
N THR A 28 9.50 12.86 14.43
CA THR A 28 10.89 13.28 14.45
C THR A 28 11.24 14.01 13.16
N PHE A 29 11.74 15.23 13.30
CA PHE A 29 12.05 16.05 12.13
C PHE A 29 13.17 15.44 11.30
N SER A 30 14.21 14.94 11.95
CA SER A 30 15.38 14.42 11.24
C SER A 30 15.06 13.15 10.45
N SER A 31 13.94 12.49 10.75
CA SER A 31 13.62 11.23 10.09
C SER A 31 13.11 11.43 8.67
N SER A 32 12.38 12.52 8.41
CA SER A 32 11.73 12.73 7.11
C SER A 32 12.00 14.14 6.62
N GLY A 33 12.13 14.27 5.30
CA GLY A 33 12.24 15.58 4.70
C GLY A 33 10.89 16.27 4.57
N LEU A 34 10.94 17.56 4.28
CA LEU A 34 9.74 18.37 4.18
C LEU A 34 9.69 19.07 2.83
N HIS A 35 8.49 19.21 2.28
CA HIS A 35 8.27 19.84 1.00
C HIS A 35 7.53 21.16 1.17
N TRP A 36 7.76 22.07 0.23
CA TRP A 36 7.02 23.33 0.15
C TRP A 36 6.18 23.30 -1.12
N VAL A 37 4.88 23.51 -0.98
CA VAL A 37 3.94 23.48 -2.10
C VAL A 37 3.19 24.81 -2.09
N ARG A 38 3.12 25.45 -3.25
CA ARG A 38 2.46 26.75 -3.37
C ARG A 38 1.18 26.61 -4.19
N GLN A 39 0.16 27.36 -3.79
CA GLN A 39 -1.15 27.31 -4.43
C GLN A 39 -1.46 28.70 -4.97
N ALA A 40 -1.24 28.89 -6.26
CA ALA A 40 -1.60 30.15 -6.89
C ALA A 40 -3.12 30.33 -6.85
N PRO A 41 -3.61 31.54 -6.56
CA PRO A 41 -5.07 31.73 -6.51
C PRO A 41 -5.70 31.47 -7.87
N GLY A 42 -6.84 30.77 -7.84
CA GLY A 42 -7.51 30.42 -9.08
C GLY A 42 -6.82 29.27 -9.78
N LYS A 43 -5.95 28.56 -9.06
CA LYS A 43 -5.24 27.42 -9.63
C LYS A 43 -4.78 26.35 -8.65
N GLY A 44 -4.37 25.23 -9.21
CA GLY A 44 -3.92 24.08 -8.45
C GLY A 44 -2.52 24.20 -7.87
N LEU A 45 -2.15 23.23 -7.05
CA LEU A 45 -0.85 23.18 -6.41
C LEU A 45 0.33 23.04 -7.36
N GLU A 46 1.45 23.56 -6.91
CA GLU A 46 2.72 23.52 -7.63
C GLU A 46 3.85 23.31 -6.63
N TRP A 47 4.78 22.43 -6.97
CA TRP A 47 5.88 22.09 -6.08
C TRP A 47 6.95 23.17 -6.14
N VAL A 48 7.48 23.55 -4.99
CA VAL A 48 8.40 24.68 -4.87
C VAL A 48 9.80 24.22 -4.47
N SER A 49 9.91 23.52 -3.34
CA SER A 49 11.23 23.14 -2.83
C SER A 49 11.12 21.84 -2.06
N GLY A 50 12.24 21.15 -1.95
CA GLY A 50 12.29 19.90 -1.22
C GLY A 50 13.67 19.68 -0.63
N ILE A 51 13.70 19.03 0.53
CA ILE A 51 14.94 18.73 1.23
C ILE A 51 14.89 17.29 1.70
N ASP A 52 16.01 16.58 1.54
CA ASP A 52 16.11 15.22 2.04
C ASP A 52 16.16 15.24 3.57
N SER A 53 15.92 14.08 4.17
CA SER A 53 15.83 14.00 5.62
C SER A 53 17.15 14.41 6.28
N SER A 54 18.28 13.98 5.72
CA SER A 54 19.58 14.27 6.30
C SER A 54 20.20 15.54 5.75
N SER A 55 19.44 16.37 5.03
CA SER A 55 19.93 17.57 4.38
C SER A 55 21.05 17.25 3.38
N SER A 56 21.09 16.00 2.91
CA SER A 56 22.14 15.58 2.00
C SER A 56 22.04 16.33 0.67
N THR A 57 20.82 16.47 0.15
CA THR A 57 20.61 17.14 -1.13
C THR A 57 19.35 18.00 -1.04
N THR A 58 19.28 18.97 -1.93
CA THR A 58 18.17 19.91 -1.98
C THR A 58 17.61 19.93 -3.39
N TYR A 59 16.31 19.69 -3.52
CA TYR A 59 15.64 19.70 -4.81
C TYR A 59 14.84 21.00 -4.95
N TYR A 60 15.04 21.69 -6.06
CA TYR A 60 14.39 22.97 -6.33
C TYR A 60 13.61 22.88 -7.63
N ALA A 61 12.42 23.47 -7.64
CA ALA A 61 11.69 23.63 -8.88
C ALA A 61 12.42 24.60 -9.80
N ASP A 62 12.33 24.34 -11.10
CA ASP A 62 13.07 25.16 -12.07
C ASP A 62 12.57 26.59 -12.09
N SER A 63 11.26 26.80 -11.92
CA SER A 63 10.71 28.14 -11.96
C SER A 63 11.17 29.02 -10.80
N VAL A 64 11.72 28.42 -9.74
CA VAL A 64 12.18 29.15 -8.57
C VAL A 64 13.67 28.97 -8.31
N LYS A 65 14.38 28.26 -9.19
CA LYS A 65 15.80 27.99 -8.96
C LYS A 65 16.60 29.28 -8.95
N GLY A 66 17.58 29.34 -8.03
CA GLY A 66 18.44 30.49 -7.91
C GLY A 66 17.87 31.63 -7.10
N ARG A 67 16.63 31.51 -6.62
CA ARG A 67 15.99 32.56 -5.85
C ARG A 67 15.54 32.11 -4.47
N PHE A 68 15.21 30.83 -4.28
CA PHE A 68 14.73 30.33 -3.01
C PHE A 68 15.76 29.38 -2.41
N THR A 69 16.04 29.56 -1.12
CA THR A 69 16.86 28.61 -0.37
C THR A 69 16.06 28.06 0.78
N ILE A 70 16.26 26.79 1.09
CA ILE A 70 15.49 26.09 2.10
C ILE A 70 16.44 25.37 3.04
N SER A 71 16.39 25.72 4.32
CA SER A 71 17.21 25.12 5.34
C SER A 71 16.33 24.48 6.41
N ARG A 72 16.78 23.36 6.93
CA ARG A 72 16.05 22.62 7.95
C ARG A 72 16.80 22.78 9.27
N ASP A 73 16.28 23.65 10.14
CA ASP A 73 16.87 23.83 11.47
C ASP A 73 16.43 22.65 12.32
N ASN A 74 17.17 21.54 12.20
CA ASN A 74 16.83 20.33 12.93
C ASN A 74 16.94 20.52 14.43
N SER A 75 17.74 21.49 14.88
CA SER A 75 17.92 21.70 16.31
C SER A 75 16.63 22.15 16.98
N LYS A 76 15.91 23.09 16.36
CA LYS A 76 14.73 23.68 16.96
C LYS A 76 13.45 23.13 16.32
N ASN A 77 13.54 22.02 15.60
CA ASN A 77 12.37 21.34 15.04
C ASN A 77 11.58 22.25 14.10
N THR A 78 12.30 22.98 13.25
CA THR A 78 11.67 23.93 12.34
C THR A 78 12.25 23.80 10.94
N LEU A 79 11.47 24.26 9.97
CA LEU A 79 11.86 24.29 8.56
C LEU A 79 11.71 25.70 8.04
N TYR A 80 12.73 26.21 7.36
CA TYR A 80 12.75 27.58 6.89
C TYR A 80 12.93 27.63 5.38
N LEU A 81 12.15 28.48 4.72
CA LEU A 81 12.30 28.79 3.30
C LEU A 81 12.53 30.28 3.15
N GLN A 82 13.62 30.64 2.49
CA GLN A 82 14.02 32.04 2.31
C GLN A 82 13.76 32.47 0.89
N MET A 83 13.06 33.60 0.73
CA MET A 83 12.65 34.10 -0.57
C MET A 83 13.28 35.46 -0.81
N ASN A 84 13.92 35.61 -1.98
CA ASN A 84 14.50 36.89 -2.36
C ASN A 84 14.16 37.17 -3.82
N SER A 85 13.97 38.45 -4.14
CA SER A 85 13.68 38.91 -5.50
C SER A 85 12.43 38.21 -6.06
N LEU A 86 11.34 38.31 -5.30
CA LEU A 86 10.07 37.73 -5.74
C LEU A 86 9.51 38.51 -6.92
N ARG A 87 8.90 37.79 -7.85
CA ARG A 87 8.23 38.41 -8.97
C ARG A 87 6.72 38.51 -8.71
N ALA A 88 6.01 39.11 -9.65
CA ALA A 88 4.62 39.52 -9.41
C ALA A 88 3.71 38.32 -9.18
N GLU A 89 3.80 37.31 -10.05
CA GLU A 89 2.81 36.23 -10.03
C GLU A 89 3.12 35.16 -8.99
N ASP A 90 4.21 35.31 -8.22
CA ASP A 90 4.51 34.37 -7.15
C ASP A 90 3.51 34.45 -6.00
N THR A 91 2.56 35.38 -6.03
CA THR A 91 1.54 35.42 -5.00
C THR A 91 0.78 34.10 -4.95
N ALA A 92 0.62 33.58 -3.73
CA ALA A 92 0.03 32.26 -3.51
C ALA A 92 -0.09 31.97 -2.02
N VAL A 93 -0.65 30.81 -1.70
CA VAL A 93 -0.59 30.26 -0.34
C VAL A 93 0.40 29.11 -0.36
N TYR A 94 1.40 29.19 0.52
CA TYR A 94 2.46 28.19 0.56
C TYR A 94 2.12 27.12 1.59
N TYR A 95 2.16 25.86 1.15
CA TYR A 95 1.88 24.72 2.00
C TYR A 95 3.16 23.99 2.33
N CYS A 96 3.28 23.54 3.57
CA CYS A 96 4.44 22.82 4.06
C CYS A 96 4.01 21.37 4.31
N ALA A 97 4.63 20.43 3.61
CA ALA A 97 4.19 19.05 3.59
C ALA A 97 5.35 18.11 3.85
N ARG A 98 5.06 17.01 4.55
CA ARG A 98 6.05 15.98 4.78
C ARG A 98 6.40 15.29 3.47
N TYR A 99 7.61 14.71 3.43
CA TYR A 99 8.05 13.98 2.25
C TYR A 99 7.05 12.88 1.92
N TYR A 100 6.73 12.75 0.64
CA TYR A 100 5.67 11.91 0.10
C TYR A 100 4.28 12.42 0.44
N PHE A 101 4.18 13.66 0.97
CA PHE A 101 2.92 14.40 1.07
C PHE A 101 1.87 13.64 1.87
N ASP A 102 2.15 13.42 3.14
CA ASP A 102 1.21 12.77 4.04
C ASP A 102 0.40 13.78 4.86
N VAL A 103 1.05 14.81 5.38
CA VAL A 103 0.40 15.80 6.23
C VAL A 103 0.69 17.19 5.68
N TRP A 104 -0.35 18.01 5.58
CA TRP A 104 -0.24 19.37 5.08
C TRP A 104 -0.66 20.34 6.16
N GLY A 105 0.11 21.42 6.31
CA GLY A 105 -0.24 22.47 7.25
C GLY A 105 -1.32 23.38 6.72
N GLN A 106 -1.75 24.30 7.59
CA GLN A 106 -2.82 25.22 7.21
C GLN A 106 -2.42 26.11 6.04
N GLY A 107 -1.16 26.44 5.91
CA GLY A 107 -0.69 27.27 4.82
C GLY A 107 -0.58 28.72 5.22
N THR A 108 0.38 29.41 4.60
CA THR A 108 0.64 30.82 4.86
C THR A 108 0.43 31.62 3.58
N LEU A 109 -0.20 32.78 3.73
CA LEU A 109 -0.48 33.65 2.59
C LEU A 109 0.71 34.56 2.33
N VAL A 110 1.22 34.52 1.11
CA VAL A 110 2.30 35.40 0.67
C VAL A 110 1.78 36.21 -0.52
N THR A 111 1.76 37.53 -0.37
CA THR A 111 1.24 38.42 -1.39
C THR A 111 2.35 39.30 -1.91
N VAL A 112 2.55 39.29 -3.22
CA VAL A 112 3.49 40.16 -3.90
C VAL A 112 2.67 41.19 -4.67
N SER A 113 2.56 42.39 -4.11
CA SER A 113 1.76 43.45 -4.71
C SER A 113 2.41 44.79 -4.42
N SER A 114 2.70 45.55 -5.48
CA SER A 114 3.28 46.87 -5.33
C SER A 114 2.25 47.93 -4.95
N ALA A 115 0.96 47.59 -4.98
CA ALA A 115 -0.08 48.55 -4.67
C ALA A 115 -0.10 48.86 -3.17
N SER A 116 -0.53 50.07 -2.84
CA SER A 116 -0.68 50.54 -1.47
C SER A 116 -2.15 50.88 -1.22
N THR A 117 -2.42 51.45 -0.06
CA THR A 117 -3.79 51.84 0.29
C THR A 117 -4.30 52.91 -0.67
N LYS A 118 -5.25 52.55 -1.52
CA LYS A 118 -5.82 53.45 -2.51
C LYS A 118 -7.33 53.47 -2.34
N GLY A 119 -7.92 54.66 -2.31
CA GLY A 119 -9.34 54.81 -2.15
C GLY A 119 -10.11 54.38 -3.39
N PRO A 120 -11.29 53.80 -3.18
CA PRO A 120 -12.09 53.36 -4.32
C PRO A 120 -12.76 54.54 -5.02
N SER A 121 -13.14 54.30 -6.27
CA SER A 121 -13.88 55.26 -7.08
C SER A 121 -15.28 54.70 -7.30
N VAL A 122 -16.28 55.35 -6.73
CA VAL A 122 -17.66 54.84 -6.78
C VAL A 122 -18.28 55.40 -8.05
N PHE A 123 -18.03 54.69 -9.16
CA PHE A 123 -18.66 55.04 -10.43
C PHE A 123 -20.07 54.50 -10.45
N PRO A 124 -21.10 55.33 -10.59
CA PRO A 124 -22.47 54.82 -10.57
C PRO A 124 -22.77 53.95 -11.78
N LEU A 125 -23.61 52.94 -11.56
CA LEU A 125 -24.08 52.05 -12.63
C LEU A 125 -25.57 51.82 -12.39
N ALA A 126 -26.39 52.70 -12.95
CA ALA A 126 -27.83 52.62 -12.79
C ALA A 126 -28.44 51.72 -13.85
N PRO A 127 -29.62 51.18 -13.60
CA PRO A 127 -30.28 50.33 -14.61
C PRO A 127 -30.80 51.13 -15.78
N SER A 128 -30.13 51.02 -16.93
CA SER A 128 -30.52 51.77 -18.13
C SER A 128 -31.65 51.11 -18.90
N SER A 129 -32.04 49.88 -18.53
CA SER A 129 -33.11 49.16 -19.22
C SER A 129 -34.23 48.89 -18.22
N LYS A 130 -35.45 49.14 -18.63
CA LYS A 130 -36.62 48.93 -17.77
C LYS A 130 -36.76 50.05 -16.76
N GLY A 135 -40.28 44.22 -15.08
CA GLY A 135 -40.88 44.69 -13.85
C GLY A 135 -39.86 45.02 -12.77
N THR A 136 -38.68 44.42 -12.88
CA THR A 136 -37.60 44.62 -11.92
C THR A 136 -36.34 45.04 -12.66
N ALA A 137 -35.50 45.81 -11.98
CA ALA A 137 -34.25 46.31 -12.55
C ALA A 137 -33.13 46.13 -11.54
N ALA A 138 -31.91 46.02 -12.07
CA ALA A 138 -30.71 45.87 -11.24
C ALA A 138 -29.87 47.12 -11.40
N LEU A 139 -29.53 47.75 -10.27
CA LEU A 139 -28.70 48.94 -10.28
C LEU A 139 -27.75 48.88 -9.08
N GLY A 140 -26.65 49.61 -9.20
CA GLY A 140 -25.67 49.62 -8.13
C GLY A 140 -24.48 50.49 -8.49
N CYS A 141 -23.41 50.31 -7.71
CA CYS A 141 -22.19 51.07 -7.90
C CYS A 141 -21.01 50.13 -8.03
N LEU A 142 -20.00 50.57 -8.77
CA LEU A 142 -18.78 49.80 -8.98
C LEU A 142 -17.65 50.47 -8.23
N VAL A 143 -16.92 49.69 -7.44
CA VAL A 143 -15.76 50.16 -6.68
C VAL A 143 -14.53 49.73 -7.44
N LYS A 144 -13.78 50.70 -7.98
CA LYS A 144 -12.59 50.44 -8.76
C LYS A 144 -11.35 50.92 -8.01
N ASP A 145 -10.28 50.15 -8.13
CA ASP A 145 -9.00 50.47 -7.49
C ASP A 145 -9.14 50.52 -5.97
N TYR A 146 -9.64 49.43 -5.40
CA TYR A 146 -9.75 49.33 -3.95
C TYR A 146 -8.51 48.54 -3.56
N PHE A 147 -7.74 49.00 -2.60
CA PHE A 147 -6.52 48.27 -2.20
C PHE A 147 -6.47 48.02 -0.69
N PRO A 148 -5.78 46.95 -0.26
CA PRO A 148 -6.49 45.68 -0.35
C PRO A 148 -7.75 45.68 0.52
N GLU A 149 -8.81 45.13 -0.04
CA GLU A 149 -10.12 45.05 0.62
C GLU A 149 -10.13 43.98 1.69
N PRO A 150 -11.10 44.06 2.62
CA PRO A 150 -12.48 43.78 2.23
C PRO A 150 -13.24 45.08 2.29
N VAL A 151 -13.96 45.43 1.24
CA VAL A 151 -14.64 46.72 1.23
C VAL A 151 -16.11 46.46 1.46
N THR A 152 -16.67 47.09 2.50
CA THR A 152 -18.08 46.91 2.83
C THR A 152 -18.93 47.84 1.98
N VAL A 153 -19.79 47.27 1.14
CA VAL A 153 -20.67 48.03 0.26
C VAL A 153 -22.10 47.82 0.76
N SER A 154 -22.79 48.93 1.03
CA SER A 154 -24.16 48.88 1.54
C SER A 154 -25.06 49.74 0.67
N TRP A 155 -26.32 49.35 0.59
CA TRP A 155 -27.32 50.06 -0.19
C TRP A 155 -28.25 50.79 0.76
N ASN A 156 -28.44 52.09 0.52
CA ASN A 156 -29.28 52.94 1.35
C ASN A 156 -28.79 52.96 2.81
N SER A 157 -27.47 52.96 2.98
CA SER A 157 -26.85 52.95 4.31
C SER A 157 -27.32 51.77 5.14
N GLY A 158 -27.42 50.60 4.51
CA GLY A 158 -27.90 49.40 5.17
C GLY A 158 -29.41 49.28 5.24
N ALA A 159 -30.15 50.24 4.69
CA ALA A 159 -31.61 50.16 4.70
C ALA A 159 -32.09 48.99 3.85
N LEU A 160 -31.47 48.78 2.69
CA LEU A 160 -31.88 47.71 1.78
C LEU A 160 -31.07 46.46 2.05
N THR A 161 -31.75 45.35 2.27
CA THR A 161 -31.10 44.06 2.52
C THR A 161 -31.53 42.94 1.58
N SER A 162 -32.60 43.11 0.82
CA SER A 162 -33.10 42.09 -0.09
C SER A 162 -32.84 42.53 -1.52
N GLY A 163 -32.34 41.60 -2.34
CA GLY A 163 -32.03 41.87 -3.73
C GLY A 163 -30.65 42.44 -3.97
N VAL A 164 -29.86 42.67 -2.93
CA VAL A 164 -28.52 43.21 -3.08
C VAL A 164 -27.54 42.05 -3.03
N HIS A 165 -26.99 41.70 -4.19
CA HIS A 165 -26.00 40.63 -4.31
C HIS A 165 -24.65 41.28 -4.57
N THR A 166 -23.68 41.01 -3.68
CA THR A 166 -22.35 41.57 -3.78
C THR A 166 -21.46 40.54 -4.48
N PHE A 167 -21.06 40.85 -5.72
CA PHE A 167 -20.18 39.97 -6.45
C PHE A 167 -18.80 39.94 -5.80
N PRO A 168 -18.10 38.82 -5.89
CA PRO A 168 -16.76 38.74 -5.29
C PRO A 168 -15.80 39.70 -5.99
N ALA A 169 -14.79 40.15 -5.24
CA ALA A 169 -13.80 41.06 -5.77
C ALA A 169 -12.98 40.39 -6.87
N VAL A 170 -12.50 41.20 -7.81
CA VAL A 170 -11.71 40.73 -8.93
C VAL A 170 -10.33 41.36 -8.82
N LEU A 171 -9.30 40.52 -8.89
CA LEU A 171 -7.91 40.98 -8.82
C LEU A 171 -7.47 41.34 -10.25
N GLN A 172 -7.63 42.60 -10.60
CA GLN A 172 -7.30 43.06 -11.94
C GLN A 172 -5.79 43.05 -12.15
N SER A 173 -5.40 43.07 -13.43
CA SER A 173 -3.98 43.07 -13.77
C SER A 173 -3.28 44.35 -13.31
N SER A 174 -4.04 45.41 -13.05
CA SER A 174 -3.46 46.66 -12.56
C SER A 174 -2.97 46.56 -11.12
N GLY A 175 -3.28 45.47 -10.43
CA GLY A 175 -2.88 45.31 -9.05
C GLY A 175 -3.85 45.86 -8.03
N LEU A 176 -4.99 46.40 -8.46
CA LEU A 176 -6.00 46.94 -7.56
C LEU A 176 -7.27 46.12 -7.70
N TYR A 177 -7.83 45.71 -6.58
CA TYR A 177 -9.06 44.94 -6.59
C TYR A 177 -10.23 45.79 -7.05
N SER A 178 -11.18 45.15 -7.72
CA SER A 178 -12.39 45.81 -8.21
C SER A 178 -13.60 45.06 -7.68
N LEU A 179 -14.62 45.81 -7.27
CA LEU A 179 -15.84 45.24 -6.71
C LEU A 179 -17.05 45.88 -7.37
N SER A 180 -18.11 45.11 -7.51
CA SER A 180 -19.36 45.58 -8.09
C SER A 180 -20.51 45.05 -7.25
N SER A 181 -21.34 45.96 -6.75
CA SER A 181 -22.52 45.61 -5.97
C SER A 181 -23.76 45.99 -6.77
N VAL A 182 -24.66 45.03 -6.96
CA VAL A 182 -25.87 45.23 -7.73
C VAL A 182 -27.08 44.92 -6.85
N VAL A 183 -28.07 45.80 -6.89
CA VAL A 183 -29.29 45.66 -6.12
C VAL A 183 -30.45 45.48 -7.10
N THR A 184 -31.17 44.38 -6.95
CA THR A 184 -32.31 44.08 -7.82
C THR A 184 -33.57 44.62 -7.15
N VAL A 185 -34.18 45.63 -7.77
CA VAL A 185 -35.37 46.26 -7.22
C VAL A 185 -36.43 46.36 -8.31
N PRO A 186 -37.69 46.49 -7.94
CA PRO A 186 -38.75 46.62 -8.95
C PRO A 186 -38.58 47.89 -9.77
N SER A 187 -39.01 47.81 -11.04
CA SER A 187 -38.88 48.95 -11.93
C SER A 187 -39.73 50.14 -11.48
N SER A 188 -40.90 49.87 -10.89
CA SER A 188 -41.76 50.96 -10.43
C SER A 188 -41.14 51.74 -9.28
N SER A 189 -40.27 51.10 -8.50
CA SER A 189 -39.61 51.74 -7.37
C SER A 189 -38.29 52.40 -7.72
N LEU A 190 -37.91 52.39 -9.01
CA LEU A 190 -36.65 53.03 -9.41
C LEU A 190 -36.67 54.52 -9.14
N GLY A 191 -37.78 55.18 -9.44
CA GLY A 191 -37.92 56.61 -9.21
C GLY A 191 -38.35 57.01 -7.82
N THR A 192 -38.56 56.04 -6.93
CA THR A 192 -38.99 56.32 -5.56
C THR A 192 -37.95 55.92 -4.53
N GLN A 193 -37.39 54.71 -4.63
CA GLN A 193 -36.41 54.26 -3.67
C GLN A 193 -35.14 55.10 -3.76
N THR A 194 -34.58 55.42 -2.60
CA THR A 194 -33.36 56.23 -2.52
C THR A 194 -32.16 55.30 -2.69
N TYR A 195 -31.54 55.33 -3.86
CA TYR A 195 -30.38 54.49 -4.15
C TYR A 195 -29.15 55.20 -3.60
N ILE A 196 -28.69 54.76 -2.43
CA ILE A 196 -27.50 55.31 -1.79
C ILE A 196 -26.50 54.19 -1.59
N CYS A 197 -25.28 54.39 -2.06
CA CYS A 197 -24.20 53.40 -1.93
C CYS A 197 -23.17 53.95 -0.97
N ASN A 198 -22.89 53.19 0.09
CA ASN A 198 -21.89 53.56 1.08
C ASN A 198 -20.76 52.53 1.04
N VAL A 199 -19.53 53.01 0.87
CA VAL A 199 -18.36 52.16 0.78
C VAL A 199 -17.45 52.50 1.95
N ASN A 200 -17.13 51.49 2.76
CA ASN A 200 -16.23 51.64 3.89
C ASN A 200 -14.96 50.85 3.60
N HIS A 201 -13.90 51.55 3.20
CA HIS A 201 -12.64 50.91 2.83
C HIS A 201 -11.85 50.67 4.12
N LYS A 202 -11.95 49.45 4.66
CA LYS A 202 -11.24 49.12 5.89
C LYS A 202 -9.72 49.24 5.75
N PRO A 203 -9.09 48.70 4.71
CA PRO A 203 -7.63 48.84 4.60
C PRO A 203 -7.15 50.28 4.54
N SER A 204 -7.91 51.15 3.88
CA SER A 204 -7.55 52.55 3.78
C SER A 204 -8.21 53.43 4.84
N ASN A 205 -9.10 52.87 5.65
CA ASN A 205 -9.82 53.63 6.67
C ASN A 205 -10.61 54.79 6.07
N THR A 206 -11.17 54.55 4.88
CA THR A 206 -11.91 55.57 4.13
C THR A 206 -13.37 55.15 4.01
N LYS A 207 -14.27 56.06 4.32
CA LYS A 207 -15.71 55.85 4.20
C LYS A 207 -16.21 56.75 3.08
N VAL A 208 -16.55 56.15 1.94
CA VAL A 208 -17.00 56.88 0.76
C VAL A 208 -18.49 56.70 0.62
N ASP A 209 -19.20 57.80 0.40
CA ASP A 209 -20.65 57.80 0.22
C ASP A 209 -20.97 58.18 -1.21
N LYS A 210 -21.85 57.42 -1.85
CA LYS A 210 -22.24 57.66 -3.23
C LYS A 210 -23.77 57.66 -3.33
N LYS A 211 -24.28 58.40 -4.32
CA LYS A 211 -25.70 58.50 -4.57
C LYS A 211 -26.01 57.93 -5.94
N VAL A 212 -27.05 57.11 -6.01
CA VAL A 212 -27.48 56.48 -7.26
C VAL A 212 -28.87 57.01 -7.59
N GLU A 213 -29.01 57.60 -8.77
CA GLU A 213 -30.26 58.15 -9.24
C GLU A 213 -30.53 57.69 -10.65
N PRO A 214 -31.81 57.65 -11.07
CA PRO A 214 -32.20 57.21 -12.42
C PRO A 214 -31.84 58.25 -13.49
N ASP B 1 9.44 19.06 -15.63
CA ASP B 1 8.55 18.14 -16.32
C ASP B 1 7.15 18.73 -16.45
N ILE B 2 6.45 18.34 -17.52
CA ILE B 2 5.09 18.81 -17.74
C ILE B 2 4.17 18.24 -16.67
N GLU B 3 3.21 19.05 -16.23
CA GLU B 3 2.26 18.60 -15.23
C GLU B 3 1.39 17.48 -15.78
N LEU B 4 0.98 16.58 -14.90
CA LEU B 4 0.16 15.44 -15.31
C LEU B 4 -1.18 15.91 -15.86
N THR B 5 -1.57 15.34 -17.00
CA THR B 5 -2.80 15.76 -17.65
C THR B 5 -4.01 15.22 -16.90
N GLN B 6 -4.95 16.10 -16.59
CA GLN B 6 -6.16 15.75 -15.87
C GLN B 6 -7.34 16.49 -16.51
N PRO B 7 -8.54 15.92 -16.43
CA PRO B 7 -9.72 16.64 -16.91
C PRO B 7 -9.98 17.87 -16.06
N PRO B 8 -10.46 18.96 -16.67
CA PRO B 8 -10.69 20.19 -15.89
C PRO B 8 -11.80 20.05 -14.87
N SER B 9 -12.98 19.58 -15.32
CA SER B 9 -14.12 19.40 -14.45
C SER B 9 -14.85 18.13 -14.83
N VAL B 10 -15.50 17.51 -13.85
CA VAL B 10 -16.24 16.27 -14.04
C VAL B 10 -17.58 16.41 -13.35
N SER B 11 -18.66 16.06 -14.05
CA SER B 11 -20.01 16.16 -13.53
C SER B 11 -20.54 14.75 -13.28
N VAL B 12 -20.99 14.49 -12.05
CA VAL B 12 -21.54 13.20 -11.66
C VAL B 12 -22.82 13.43 -10.86
N ALA B 13 -23.83 12.62 -11.12
CA ALA B 13 -25.09 12.72 -10.39
C ALA B 13 -24.89 12.19 -8.97
N PRO B 14 -25.68 12.70 -8.01
CA PRO B 14 -25.56 12.20 -6.63
C PRO B 14 -25.87 10.72 -6.54
N GLY B 15 -25.13 10.03 -5.67
CA GLY B 15 -25.29 8.59 -5.52
C GLY B 15 -24.96 7.82 -6.78
N GLN B 16 -23.97 8.26 -7.53
CA GLN B 16 -23.59 7.60 -8.78
C GLN B 16 -22.12 7.87 -9.02
N THR B 17 -21.45 6.92 -9.65
CA THR B 17 -20.00 6.81 -9.60
C THR B 17 -19.31 8.02 -10.24
N ALA B 18 -18.05 8.21 -9.85
CA ALA B 18 -17.22 9.28 -10.38
C ALA B 18 -15.93 8.69 -10.90
N ARG B 19 -15.49 9.16 -12.07
CA ARG B 19 -14.30 8.64 -12.73
C ARG B 19 -13.40 9.81 -13.12
N ILE B 20 -12.20 9.85 -12.54
CA ILE B 20 -11.21 10.88 -12.84
C ILE B 20 -9.93 10.20 -13.30
N SER B 21 -9.41 10.61 -14.45
CA SER B 21 -8.23 10.00 -15.04
C SER B 21 -7.03 10.92 -14.86
N CYS B 22 -5.86 10.31 -14.70
CA CYS B 22 -4.60 11.03 -14.49
C CYS B 22 -3.54 10.53 -15.45
N SER B 23 -3.90 10.43 -16.74
CA SER B 23 -2.92 10.08 -17.76
C SER B 23 -1.87 11.18 -17.84
N GLY B 24 -0.60 10.77 -17.82
CA GLY B 24 0.48 11.74 -17.80
C GLY B 24 1.66 11.28 -18.61
N ASP B 25 2.64 12.17 -18.74
CA ASP B 25 3.85 11.90 -19.51
C ASP B 25 4.85 11.20 -18.61
N SER B 26 4.82 9.87 -18.62
CA SER B 26 5.80 9.04 -17.95
C SER B 26 5.86 9.33 -16.43
N ILE B 27 4.75 9.04 -15.76
CA ILE B 27 4.75 9.10 -14.30
C ILE B 27 5.71 8.06 -13.73
N GLY B 28 5.77 6.88 -14.35
CA GLY B 28 6.78 5.88 -14.05
C GLY B 28 6.74 5.29 -12.66
N THR B 29 5.90 5.83 -11.78
CA THR B 29 5.84 5.39 -10.39
C THR B 29 4.39 5.35 -9.96
N TYR B 30 4.17 5.28 -8.66
CA TYR B 30 2.83 5.27 -8.08
C TYR B 30 2.27 6.68 -8.00
N ALA B 31 0.96 6.80 -8.23
CA ALA B 31 0.29 8.09 -8.28
C ALA B 31 -0.55 8.29 -7.02
N TYR B 32 -0.29 9.38 -6.31
CA TYR B 32 -1.04 9.75 -5.12
C TYR B 32 -2.16 10.71 -5.50
N TRP B 33 -3.29 10.60 -4.79
CA TRP B 33 -4.45 11.44 -5.02
C TRP B 33 -4.76 12.25 -3.78
N TYR B 34 -5.05 13.54 -3.97
CA TYR B 34 -5.26 14.47 -2.87
C TYR B 34 -6.62 15.16 -3.02
N GLN B 35 -7.23 15.48 -1.88
CA GLN B 35 -8.53 16.14 -1.83
C GLN B 35 -8.37 17.51 -1.20
N GLN B 36 -8.95 18.52 -1.84
CA GLN B 36 -8.89 19.89 -1.33
C GLN B 36 -10.30 20.48 -1.27
N LYS B 37 -10.85 20.56 -0.07
CA LYS B 37 -12.04 21.37 0.13
C LYS B 37 -11.63 22.85 0.03
N PRO B 38 -12.38 23.68 -0.69
CA PRO B 38 -11.97 25.08 -0.85
C PRO B 38 -11.81 25.77 0.49
N GLY B 39 -10.71 26.50 0.63
CA GLY B 39 -10.37 27.15 1.87
C GLY B 39 -9.72 26.25 2.91
N GLN B 40 -9.42 24.99 2.56
CA GLN B 40 -8.86 24.04 3.49
C GLN B 40 -7.63 23.37 2.87
N ALA B 41 -6.73 22.92 3.74
CA ALA B 41 -5.50 22.31 3.26
C ALA B 41 -5.79 20.98 2.58
N PRO B 42 -5.06 20.64 1.52
CA PRO B 42 -5.26 19.34 0.87
C PRO B 42 -4.94 18.19 1.82
N VAL B 43 -5.67 17.09 1.63
CA VAL B 43 -5.49 15.88 2.42
C VAL B 43 -5.34 14.69 1.48
N LEU B 44 -4.71 13.64 1.98
CA LEU B 44 -4.40 12.45 1.19
C LEU B 44 -5.56 11.47 1.28
N VAL B 45 -6.00 10.96 0.14
CA VAL B 45 -7.09 10.00 0.11
C VAL B 45 -6.63 8.66 -0.46
N ILE B 46 -5.64 8.71 -1.35
CA ILE B 46 -5.11 7.50 -1.99
C ILE B 46 -3.61 7.67 -2.18
N TYR B 47 -2.82 6.79 -1.58
CA TYR B 47 -1.38 6.81 -1.75
C TYR B 47 -0.93 5.49 -2.40
N ALA B 48 0.29 5.52 -2.93
CA ALA B 48 0.85 4.43 -3.75
C ALA B 48 -0.09 4.25 -4.94
N ASP B 49 -0.68 3.07 -5.14
CA ASP B 49 -1.62 2.87 -6.23
C ASP B 49 -3.07 2.90 -5.78
N ASP B 50 -3.44 2.05 -4.81
CA ASP B 50 -4.83 1.95 -4.38
C ASP B 50 -4.96 1.81 -2.86
N ASN B 51 -3.99 2.33 -2.11
CA ASN B 51 -4.08 2.27 -0.66
C ASN B 51 -4.91 3.44 -0.13
N ARG B 52 -5.52 3.24 1.04
CA ARG B 52 -6.37 4.25 1.65
C ARG B 52 -5.89 4.56 3.06
N PRO B 53 -5.63 5.81 3.38
CA PRO B 53 -5.26 6.18 4.76
C PRO B 53 -6.47 6.15 5.68
N SER B 54 -6.17 6.27 6.98
CA SER B 54 -7.21 6.29 8.00
C SER B 54 -8.04 7.56 7.89
N GLY B 55 -9.31 7.45 8.24
CA GLY B 55 -10.23 8.57 8.16
C GLY B 55 -10.86 8.78 6.80
N ILE B 56 -10.58 7.93 5.83
CA ILE B 56 -11.12 8.04 4.47
C ILE B 56 -12.14 6.92 4.30
N PRO B 57 -13.39 7.22 3.95
CA PRO B 57 -14.40 6.16 3.77
C PRO B 57 -14.07 5.27 2.57
N GLU B 58 -14.72 4.11 2.56
CA GLU B 58 -14.44 3.08 1.56
C GLU B 58 -14.79 3.52 0.15
N ARG B 59 -15.62 4.56 0.02
CA ARG B 59 -16.07 4.98 -1.31
C ARG B 59 -14.93 5.38 -2.23
N PHE B 60 -13.76 5.71 -1.68
CA PHE B 60 -12.59 6.07 -2.48
C PHE B 60 -11.80 4.82 -2.80
N SER B 61 -11.73 4.47 -4.09
CA SER B 61 -10.91 3.39 -4.57
C SER B 61 -10.14 3.85 -5.80
N GLY B 62 -8.94 3.31 -5.98
CA GLY B 62 -8.07 3.76 -7.04
C GLY B 62 -7.49 2.60 -7.82
N SER B 63 -6.82 2.94 -8.92
CA SER B 63 -6.17 1.97 -9.78
C SER B 63 -5.05 2.65 -10.52
N ASN B 64 -4.13 1.84 -11.05
CA ASN B 64 -3.01 2.35 -11.81
C ASN B 64 -2.55 1.25 -12.75
N SER B 65 -2.33 1.62 -14.01
CA SER B 65 -1.88 0.66 -15.03
C SER B 65 -1.28 1.44 -16.18
N GLY B 66 -0.14 0.96 -16.67
CA GLY B 66 0.52 1.61 -17.79
C GLY B 66 0.92 3.04 -17.46
N ASN B 67 0.22 4.00 -18.06
CA ASN B 67 0.48 5.42 -17.81
C ASN B 67 -0.79 6.17 -17.42
N THR B 68 -1.78 5.50 -16.85
CA THR B 68 -3.03 6.13 -16.49
C THR B 68 -3.45 5.68 -15.09
N ALA B 69 -3.95 6.62 -14.29
CA ALA B 69 -4.44 6.35 -12.95
C ALA B 69 -5.85 6.89 -12.83
N THR B 70 -6.66 6.24 -12.00
CA THR B 70 -8.08 6.53 -11.92
C THR B 70 -8.56 6.47 -10.47
N LEU B 71 -9.33 7.47 -10.07
CA LEU B 71 -9.99 7.48 -8.76
C LEU B 71 -11.46 7.13 -8.97
N THR B 72 -11.90 6.05 -8.36
CA THR B 72 -13.28 5.60 -8.46
C THR B 72 -14.00 5.94 -7.15
N ILE B 73 -14.90 6.90 -7.21
CA ILE B 73 -15.70 7.31 -6.06
C ILE B 73 -17.08 6.70 -6.26
N SER B 74 -17.28 5.52 -5.68
CA SER B 74 -18.53 4.80 -5.85
C SER B 74 -19.61 5.43 -4.97
N GLY B 75 -20.72 5.85 -5.60
CA GLY B 75 -21.80 6.48 -4.87
C GLY B 75 -21.38 7.73 -4.14
N THR B 76 -21.02 8.76 -4.90
CA THR B 76 -20.55 10.01 -4.30
C THR B 76 -21.68 10.68 -3.52
N GLN B 77 -21.31 11.33 -2.42
CA GLN B 77 -22.24 12.12 -1.63
C GLN B 77 -22.05 13.61 -1.94
N ALA B 78 -23.10 14.39 -1.67
CA ALA B 78 -23.06 15.80 -2.00
C ALA B 78 -22.00 16.55 -1.20
N GLU B 79 -21.79 16.15 0.05
CA GLU B 79 -20.80 16.80 0.91
C GLU B 79 -19.36 16.56 0.45
N ASP B 80 -19.17 15.63 -0.48
CA ASP B 80 -17.84 15.20 -0.90
C ASP B 80 -17.18 16.16 -1.89
N GLU B 81 -17.93 17.08 -2.49
CA GLU B 81 -17.40 17.89 -3.58
C GLU B 81 -16.17 18.68 -3.16
N ALA B 82 -15.13 18.64 -4.00
CA ALA B 82 -13.85 19.26 -3.74
C ALA B 82 -13.01 19.17 -5.01
N ASP B 83 -11.75 19.58 -4.91
CA ASP B 83 -10.80 19.49 -6.00
C ASP B 83 -9.85 18.33 -5.74
N TYR B 84 -9.73 17.43 -6.72
CA TYR B 84 -8.91 16.24 -6.58
C TYR B 84 -7.67 16.37 -7.46
N TYR B 85 -6.51 16.27 -6.84
CA TYR B 85 -5.23 16.40 -7.52
C TYR B 85 -4.47 15.07 -7.46
N CYS B 86 -3.86 14.70 -8.57
CA CYS B 86 -3.02 13.52 -8.65
C CYS B 86 -1.57 13.94 -8.77
N SER B 87 -0.71 13.34 -7.95
CA SER B 87 0.71 13.64 -7.95
C SER B 87 1.50 12.35 -8.08
N SER B 88 2.72 12.48 -8.60
CA SER B 88 3.59 11.33 -8.79
C SER B 88 5.04 11.80 -8.63
N TRP B 89 5.96 10.86 -8.71
CA TRP B 89 7.38 11.13 -8.59
C TRP B 89 8.08 10.78 -9.87
N ALA B 90 8.83 11.74 -10.43
CA ALA B 90 9.50 11.54 -11.70
C ALA B 90 10.86 10.85 -11.47
N THR B 91 11.60 10.66 -12.56
CA THR B 91 12.89 10.00 -12.49
C THR B 91 13.91 10.84 -11.73
N ASP B 92 13.81 12.16 -11.82
CA ASP B 92 14.77 13.06 -11.17
C ASP B 92 14.51 13.22 -9.68
N ASN B 93 13.68 12.36 -9.09
CA ASN B 93 13.33 12.45 -7.67
C ASN B 93 12.71 13.78 -7.32
N ALA B 94 11.99 14.38 -8.26
CA ALA B 94 11.28 15.63 -8.05
C ALA B 94 9.79 15.41 -8.20
N PRO B 95 8.98 15.80 -7.22
CA PRO B 95 7.53 15.60 -7.34
C PRO B 95 6.93 16.40 -8.48
N VAL B 96 5.90 15.83 -9.10
CA VAL B 96 5.14 16.50 -10.14
C VAL B 96 3.67 16.48 -9.73
N PHE B 97 2.97 17.59 -9.96
CA PHE B 97 1.60 17.74 -9.53
C PHE B 97 0.68 17.94 -10.73
N GLY B 98 -0.54 17.40 -10.63
CA GLY B 98 -1.51 17.52 -11.69
C GLY B 98 -2.32 18.80 -11.61
N GLY B 99 -3.05 19.08 -12.70
CA GLY B 99 -3.84 20.30 -12.75
C GLY B 99 -4.99 20.31 -11.77
N GLY B 100 -5.71 19.20 -11.68
CA GLY B 100 -6.83 19.10 -10.76
C GLY B 100 -8.18 18.94 -11.42
N THR B 101 -9.13 18.34 -10.71
CA THR B 101 -10.48 18.14 -11.20
C THR B 101 -11.48 18.52 -10.12
N LYS B 102 -12.57 19.14 -10.52
CA LYS B 102 -13.62 19.57 -9.60
C LYS B 102 -14.80 18.62 -9.70
N LEU B 103 -15.21 18.07 -8.55
CA LEU B 103 -16.36 17.17 -8.51
C LEU B 103 -17.63 18.00 -8.38
N THR B 104 -18.25 18.30 -9.52
CA THR B 104 -19.49 19.04 -9.54
C THR B 104 -20.64 18.05 -9.40
N VAL B 105 -20.99 17.75 -8.15
CA VAL B 105 -22.14 16.89 -7.88
C VAL B 105 -23.41 17.71 -8.12
N LEU B 106 -24.36 17.12 -8.86
CA LEU B 106 -25.57 17.82 -9.24
C LEU B 106 -26.61 17.69 -8.12
N GLY B 107 -26.29 18.33 -7.00
CA GLY B 107 -27.22 18.34 -5.88
C GLY B 107 -28.48 19.12 -6.18
N GLN B 108 -28.35 20.27 -6.83
CA GLN B 108 -29.48 21.10 -7.21
C GLN B 108 -29.79 20.92 -8.69
N PRO B 109 -31.04 21.18 -9.10
CA PRO B 109 -31.38 21.08 -10.51
C PRO B 109 -30.59 22.06 -11.35
N LYS B 110 -30.20 21.63 -12.55
CA LYS B 110 -29.44 22.47 -13.45
C LYS B 110 -30.29 23.63 -13.93
N ALA B 111 -29.70 24.82 -13.95
CA ALA B 111 -30.42 26.03 -14.36
C ALA B 111 -29.50 26.89 -15.22
N ALA B 112 -30.11 27.69 -16.09
CA ALA B 112 -29.39 28.62 -16.94
C ALA B 112 -29.07 29.89 -16.15
N PRO B 113 -27.81 30.30 -16.08
CA PRO B 113 -27.48 31.51 -15.32
C PRO B 113 -28.10 32.75 -15.93
N SER B 114 -28.41 33.72 -15.06
CA SER B 114 -28.97 35.00 -15.47
C SER B 114 -27.86 36.02 -15.60
N VAL B 115 -27.81 36.71 -16.75
CA VAL B 115 -26.75 37.65 -17.07
C VAL B 115 -27.35 39.05 -17.16
N THR B 116 -26.72 40.01 -16.49
CA THR B 116 -27.12 41.41 -16.55
C THR B 116 -25.96 42.21 -17.13
N LEU B 117 -26.24 42.98 -18.17
CA LEU B 117 -25.22 43.80 -18.81
C LEU B 117 -25.01 45.09 -18.02
N PHE B 118 -23.91 45.76 -18.31
CA PHE B 118 -23.58 47.01 -17.64
C PHE B 118 -22.83 47.93 -18.59
N PRO B 119 -23.44 49.02 -19.04
CA PRO B 119 -22.74 49.94 -19.94
C PRO B 119 -21.84 50.88 -19.15
N PRO B 120 -21.11 51.77 -19.83
CA PRO B 120 -20.24 52.70 -19.12
C PRO B 120 -21.03 53.67 -18.27
N SER B 121 -20.41 54.10 -17.18
CA SER B 121 -21.02 55.05 -16.26
C SER B 121 -20.74 56.49 -16.69
N SER B 122 -21.62 57.40 -16.26
CA SER B 122 -21.45 58.81 -16.60
C SER B 122 -20.17 59.37 -15.98
N GLU B 123 -19.89 59.00 -14.72
CA GLU B 123 -18.66 59.47 -14.08
C GLU B 123 -17.43 58.93 -14.79
N GLU B 124 -17.47 57.64 -15.20
CA GLU B 124 -16.35 57.07 -15.92
C GLU B 124 -16.15 57.77 -17.27
N LEU B 125 -17.24 58.07 -17.97
CA LEU B 125 -17.13 58.79 -19.23
C LEU B 125 -16.55 60.18 -19.02
N GLN B 126 -16.99 60.88 -17.96
CA GLN B 126 -16.42 62.18 -17.64
C GLN B 126 -14.97 62.05 -17.16
N ALA B 127 -14.63 60.93 -16.54
CA ALA B 127 -13.28 60.69 -16.06
C ALA B 127 -12.41 59.97 -17.08
N ASN B 128 -12.94 59.67 -18.27
CA ASN B 128 -12.19 59.00 -19.32
C ASN B 128 -11.85 57.55 -18.92
N LYS B 129 -12.84 56.86 -18.39
CA LYS B 129 -12.67 55.47 -17.97
C LYS B 129 -13.87 54.66 -18.43
N ALA B 130 -13.62 53.44 -18.90
CA ALA B 130 -14.66 52.55 -19.38
C ALA B 130 -14.53 51.20 -18.70
N THR B 131 -15.68 50.63 -18.32
CA THR B 131 -15.72 49.32 -17.66
C THR B 131 -16.99 48.61 -18.09
N LEU B 132 -16.83 47.51 -18.81
CA LEU B 132 -17.96 46.67 -19.23
C LEU B 132 -18.22 45.65 -18.13
N VAL B 133 -19.37 45.76 -17.48
CA VAL B 133 -19.73 44.91 -16.35
C VAL B 133 -20.69 43.83 -16.83
N CYS B 134 -20.28 42.58 -16.70
CA CYS B 134 -21.12 41.44 -17.03
C CYS B 134 -21.25 40.58 -15.78
N LEU B 135 -22.44 40.59 -15.18
CA LEU B 135 -22.71 39.86 -13.95
C LEU B 135 -23.56 38.65 -14.30
N ILE B 136 -23.01 37.46 -14.10
CA ILE B 136 -23.72 36.20 -14.36
C ILE B 136 -24.11 35.63 -13.00
N SER B 137 -25.41 35.53 -12.74
CA SER B 137 -25.93 35.05 -11.47
C SER B 137 -26.84 33.84 -11.69
N ASP B 138 -27.07 33.10 -10.61
CA ASP B 138 -27.92 31.93 -10.63
C ASP B 138 -27.40 30.85 -11.58
N PHE B 139 -26.09 30.65 -11.58
CA PHE B 139 -25.46 29.66 -12.44
C PHE B 139 -25.41 28.31 -11.72
N TYR B 140 -25.63 27.24 -12.48
CA TYR B 140 -25.60 25.88 -11.93
C TYR B 140 -25.30 24.90 -13.06
N PRO B 141 -24.22 24.11 -12.96
CA PRO B 141 -23.23 24.05 -11.89
C PRO B 141 -22.27 25.22 -11.91
N GLY B 142 -21.43 25.39 -10.89
CA GLY B 142 -20.54 26.52 -10.81
C GLY B 142 -19.37 26.45 -11.78
N ALA B 143 -19.67 26.56 -13.07
CA ALA B 143 -18.64 26.56 -14.11
C ALA B 143 -19.21 27.29 -15.31
N VAL B 144 -18.77 28.54 -15.51
CA VAL B 144 -19.28 29.38 -16.58
C VAL B 144 -18.12 29.98 -17.35
N THR B 145 -18.29 30.12 -18.66
CA THR B 145 -17.28 30.72 -19.52
C THR B 145 -17.81 32.07 -20.00
N VAL B 146 -17.01 33.13 -19.80
CA VAL B 146 -17.40 34.48 -20.14
C VAL B 146 -16.58 34.94 -21.34
N ALA B 147 -17.27 35.43 -22.37
CA ALA B 147 -16.63 35.94 -23.58
C ALA B 147 -17.19 37.31 -23.90
N TRP B 148 -16.33 38.16 -24.43
CA TRP B 148 -16.68 39.54 -24.77
C TRP B 148 -16.64 39.70 -26.28
N LYS B 149 -17.68 40.31 -26.84
CA LYS B 149 -17.79 40.55 -28.27
C LYS B 149 -17.92 42.04 -28.52
N ALA B 150 -17.14 42.56 -29.47
CA ALA B 150 -17.18 43.97 -29.80
C ALA B 150 -17.51 44.18 -31.27
N VAL B 159 -9.93 42.27 -20.28
CA VAL B 159 -11.08 41.53 -19.78
C VAL B 159 -10.68 40.59 -18.65
N GLU B 160 -11.06 40.93 -17.43
CA GLU B 160 -10.76 40.13 -16.24
C GLU B 160 -12.08 39.61 -15.68
N THR B 161 -12.20 38.29 -15.60
CA THR B 161 -13.41 37.64 -15.09
C THR B 161 -13.08 36.94 -13.78
N THR B 162 -13.86 37.23 -12.75
CA THR B 162 -13.66 36.59 -11.46
C THR B 162 -14.03 35.12 -11.53
N THR B 163 -13.35 34.31 -10.73
CA THR B 163 -13.66 32.89 -10.67
C THR B 163 -15.05 32.69 -10.06
N PRO B 164 -15.73 31.60 -10.41
CA PRO B 164 -17.07 31.37 -9.87
C PRO B 164 -17.04 31.29 -8.34
N SER B 165 -18.06 31.86 -7.72
CA SER B 165 -18.20 31.86 -6.28
C SER B 165 -19.62 31.43 -5.91
N LYS B 166 -19.73 30.66 -4.84
CA LYS B 166 -21.03 30.19 -4.38
C LYS B 166 -21.86 31.36 -3.89
N GLN B 167 -23.13 31.41 -4.29
CA GLN B 167 -24.04 32.46 -3.89
C GLN B 167 -24.79 32.07 -2.62
N SER B 168 -25.44 33.05 -2.00
CA SER B 168 -26.21 32.79 -0.79
C SER B 168 -27.43 31.90 -1.06
N ASN B 169 -27.90 31.83 -2.30
CA ASN B 169 -29.03 31.00 -2.67
C ASN B 169 -28.62 29.64 -3.21
N ASN B 170 -27.33 29.30 -3.11
CA ASN B 170 -26.79 28.03 -3.60
C ASN B 170 -26.60 28.02 -5.12
N LYS B 171 -26.62 29.18 -5.76
CA LYS B 171 -26.41 29.29 -7.20
C LYS B 171 -25.08 29.96 -7.47
N TYR B 172 -24.30 29.40 -8.39
CA TYR B 172 -23.00 29.94 -8.73
C TYR B 172 -23.15 31.31 -9.39
N ALA B 173 -22.24 32.22 -9.07
CA ALA B 173 -22.26 33.56 -9.61
C ALA B 173 -20.84 33.96 -10.00
N ALA B 174 -20.75 34.87 -10.98
CA ALA B 174 -19.46 35.35 -11.44
C ALA B 174 -19.64 36.72 -12.07
N SER B 175 -18.53 37.44 -12.18
CA SER B 175 -18.52 38.78 -12.76
C SER B 175 -17.37 38.88 -13.75
N SER B 176 -17.62 39.57 -14.86
CA SER B 176 -16.62 39.78 -15.90
C SER B 176 -16.42 41.27 -16.09
N TYR B 177 -15.19 41.74 -15.90
CA TYR B 177 -14.86 43.16 -16.01
C TYR B 177 -13.98 43.35 -17.24
N LEU B 178 -14.41 44.21 -18.15
CA LEU B 178 -13.68 44.53 -19.37
C LEU B 178 -13.37 46.01 -19.37
N SER B 179 -12.13 46.35 -19.68
CA SER B 179 -11.67 47.73 -19.68
C SER B 179 -11.54 48.22 -21.11
N LEU B 180 -12.11 49.40 -21.39
CA LEU B 180 -12.04 50.00 -22.71
C LEU B 180 -11.75 51.49 -22.56
N THR B 181 -11.04 52.04 -23.55
CA THR B 181 -10.70 53.45 -23.53
C THR B 181 -11.95 54.29 -23.80
N PRO B 182 -11.96 55.54 -23.35
CA PRO B 182 -13.12 56.40 -23.62
C PRO B 182 -13.40 56.59 -25.10
N GLU B 183 -12.36 56.68 -25.92
CA GLU B 183 -12.57 56.81 -27.37
C GLU B 183 -13.19 55.54 -27.95
N GLN B 184 -12.72 54.37 -27.51
CA GLN B 184 -13.24 53.10 -28.01
C GLN B 184 -14.56 52.70 -27.38
N TRP B 185 -14.98 53.36 -26.30
CA TRP B 185 -16.23 53.03 -25.64
C TRP B 185 -17.43 53.45 -26.49
N SER B 190 -21.21 47.81 -31.29
CA SER B 190 -21.79 47.50 -29.99
C SER B 190 -20.95 46.47 -29.25
N TYR B 191 -21.10 46.42 -27.93
CA TYR B 191 -20.36 45.50 -27.08
C TYR B 191 -21.30 44.37 -26.67
N SER B 192 -20.83 43.13 -26.82
CA SER B 192 -21.61 41.95 -26.49
C SER B 192 -20.85 41.07 -25.51
N CYS B 193 -21.58 40.45 -24.60
CA CYS B 193 -21.02 39.53 -23.62
C CYS B 193 -21.59 38.15 -23.85
N GLN B 194 -20.71 37.15 -23.94
CA GLN B 194 -21.11 35.77 -24.19
C GLN B 194 -20.89 34.95 -22.93
N VAL B 195 -21.92 34.22 -22.51
CA VAL B 195 -21.87 33.38 -21.32
C VAL B 195 -22.20 31.95 -21.73
N THR B 196 -21.33 31.02 -21.35
CA THR B 196 -21.53 29.59 -21.62
C THR B 196 -21.39 28.84 -20.31
N HIS B 197 -22.52 28.36 -19.78
CA HIS B 197 -22.53 27.64 -18.51
C HIS B 197 -22.38 26.14 -18.72
N GLU B 198 -23.29 25.53 -19.47
CA GLU B 198 -23.23 24.09 -19.77
C GLU B 198 -23.82 23.90 -21.17
N GLY B 199 -22.94 23.89 -22.18
CA GLY B 199 -23.38 23.72 -23.55
C GLY B 199 -24.05 24.94 -24.17
N SER B 200 -25.13 25.42 -23.55
CA SER B 200 -25.84 26.57 -24.06
C SER B 200 -24.98 27.83 -23.91
N THR B 201 -25.14 28.74 -24.87
CA THR B 201 -24.41 30.00 -24.88
C THR B 201 -25.42 31.14 -24.72
N VAL B 202 -25.15 32.03 -23.76
CA VAL B 202 -26.01 33.18 -23.48
C VAL B 202 -25.28 34.43 -23.93
N GLU B 203 -25.95 35.23 -24.76
CA GLU B 203 -25.37 36.45 -25.31
C GLU B 203 -26.20 37.64 -24.86
N LYS B 204 -25.52 38.69 -24.39
CA LYS B 204 -26.16 39.93 -23.97
C LYS B 204 -25.57 41.08 -24.78
N THR B 205 -26.45 41.97 -25.24
CA THR B 205 -26.06 43.09 -26.09
C THR B 205 -26.04 44.36 -25.27
N VAL B 206 -24.99 45.16 -25.45
CA VAL B 206 -24.86 46.43 -24.74
C VAL B 206 -24.36 47.53 -25.68
N GLU C 1 -1.42 -8.68 23.92
CA GLU C 1 -0.23 -8.16 23.27
C GLU C 1 -0.51 -7.89 21.79
N VAL C 2 0.56 -7.77 21.00
CA VAL C 2 0.44 -7.50 19.58
C VAL C 2 0.06 -8.81 18.89
N GLN C 3 -1.03 -8.77 18.13
CA GLN C 3 -1.58 -9.98 17.51
C GLN C 3 -1.77 -9.74 16.02
N LEU C 4 -1.31 -10.70 15.21
CA LEU C 4 -1.49 -10.66 13.77
C LEU C 4 -2.19 -11.94 13.34
N VAL C 5 -3.31 -11.81 12.64
CA VAL C 5 -4.07 -12.95 12.14
C VAL C 5 -4.20 -12.81 10.63
N GLU C 6 -4.36 -13.95 9.96
CA GLU C 6 -4.48 -13.99 8.51
C GLU C 6 -5.65 -14.88 8.10
N SER C 7 -6.16 -14.63 6.91
CA SER C 7 -7.28 -15.39 6.36
C SER C 7 -7.15 -15.40 4.85
N GLY C 8 -8.16 -15.92 4.18
CA GLY C 8 -8.17 -15.98 2.73
C GLY C 8 -7.40 -17.14 2.14
N GLY C 9 -6.79 -17.99 2.96
CA GLY C 9 -6.04 -19.12 2.46
C GLY C 9 -6.91 -20.34 2.21
N GLY C 10 -6.84 -20.87 0.99
CA GLY C 10 -7.63 -22.03 0.64
C GLY C 10 -7.14 -22.64 -0.65
N LEU C 11 -7.92 -23.59 -1.15
CA LEU C 11 -7.59 -24.25 -2.41
C LEU C 11 -7.99 -23.37 -3.58
N VAL C 12 -7.05 -23.16 -4.51
CA VAL C 12 -7.28 -22.33 -5.68
C VAL C 12 -6.67 -23.01 -6.89
N ARG C 13 -7.41 -23.02 -8.00
CA ARG C 13 -6.90 -23.59 -9.23
C ARG C 13 -5.85 -22.67 -9.85
N PRO C 14 -4.89 -23.23 -10.58
CA PRO C 14 -3.88 -22.40 -11.24
C PRO C 14 -4.52 -21.29 -12.08
N GLY C 15 -3.90 -20.10 -12.03
CA GLY C 15 -4.36 -18.99 -12.83
C GLY C 15 -5.61 -18.31 -12.32
N ARG C 16 -5.84 -18.32 -11.02
CA ARG C 16 -7.00 -17.68 -10.43
C ARG C 16 -6.56 -16.77 -9.29
N SER C 17 -7.26 -15.64 -9.15
CA SER C 17 -6.90 -14.62 -8.18
C SER C 17 -7.36 -15.03 -6.78
N LEU C 18 -6.53 -14.73 -5.79
CA LEU C 18 -6.85 -14.96 -4.39
C LEU C 18 -6.29 -13.82 -3.56
N ARG C 19 -7.06 -13.37 -2.57
CA ARG C 19 -6.69 -12.21 -1.76
C ARG C 19 -6.60 -12.63 -0.30
N LEU C 20 -5.45 -12.37 0.31
CA LEU C 20 -5.24 -12.62 1.72
C LEU C 20 -5.34 -11.33 2.52
N SER C 21 -5.90 -11.42 3.72
CA SER C 21 -6.11 -10.28 4.58
C SER C 21 -5.35 -10.48 5.89
N CYS C 22 -4.61 -9.46 6.31
CA CYS C 22 -3.84 -9.49 7.54
C CYS C 22 -4.45 -8.47 8.50
N THR C 23 -5.25 -8.97 9.45
CA THR C 23 -5.87 -8.10 10.43
C THR C 23 -4.89 -7.80 11.55
N VAL C 24 -4.69 -6.52 11.83
CA VAL C 24 -3.68 -6.06 12.78
C VAL C 24 -4.38 -5.44 13.98
N SER C 25 -4.00 -5.90 15.17
CA SER C 25 -4.50 -5.34 16.42
C SER C 25 -3.36 -5.27 17.43
N GLY C 26 -3.48 -4.35 18.38
CA GLY C 26 -2.53 -4.23 19.45
C GLY C 26 -1.46 -3.18 19.26
N PHE C 27 -1.29 -2.66 18.05
CA PHE C 27 -0.32 -1.60 17.81
C PHE C 27 -0.76 -0.75 16.63
N SER C 28 -0.15 0.41 16.51
CA SER C 28 -0.52 1.36 15.46
C SER C 28 -0.17 0.80 14.09
N PHE C 29 -1.14 0.82 13.18
CA PHE C 29 -0.96 0.28 11.84
C PHE C 29 -0.48 1.31 10.84
N ASP C 30 -0.70 2.60 11.11
CA ASP C 30 -0.39 3.63 10.12
C ASP C 30 1.10 3.75 9.87
N ASP C 31 1.91 3.69 10.93
CA ASP C 31 3.33 4.00 10.84
C ASP C 31 4.22 2.76 10.80
N SER C 32 3.66 1.58 10.64
CA SER C 32 4.43 0.35 10.60
C SER C 32 4.41 -0.24 9.20
N ALA C 33 5.55 -0.79 8.78
CA ALA C 33 5.69 -1.39 7.46
C ALA C 33 5.34 -2.88 7.51
N MET C 34 4.62 -3.34 6.49
CA MET C 34 4.10 -4.70 6.44
C MET C 34 4.77 -5.46 5.30
N SER C 35 5.23 -6.67 5.61
CA SER C 35 5.88 -7.53 4.62
C SER C 35 5.28 -8.92 4.68
N TRP C 36 5.28 -9.60 3.53
CA TRP C 36 4.75 -10.95 3.42
C TRP C 36 5.88 -11.92 3.11
N VAL C 37 5.97 -12.99 3.88
CA VAL C 37 7.01 -14.00 3.75
C VAL C 37 6.33 -15.35 3.56
N ARG C 38 6.74 -16.08 2.53
CA ARG C 38 6.17 -17.37 2.21
C ARG C 38 7.18 -18.48 2.45
N GLN C 39 6.68 -19.64 2.85
CA GLN C 39 7.50 -20.81 3.16
C GLN C 39 6.92 -22.01 2.44
N ALA C 40 7.56 -22.44 1.36
CA ALA C 40 7.14 -23.66 0.69
C ALA C 40 7.36 -24.85 1.62
N PRO C 41 6.45 -25.82 1.63
CA PRO C 41 6.59 -26.96 2.54
C PRO C 41 7.89 -27.71 2.31
N GLY C 42 8.75 -27.70 3.31
CA GLY C 42 10.04 -28.36 3.21
C GLY C 42 11.17 -27.42 2.85
N LYS C 43 10.89 -26.49 1.93
CA LYS C 43 11.89 -25.54 1.49
C LYS C 43 12.08 -24.45 2.54
N GLY C 44 13.01 -23.52 2.25
CA GLY C 44 13.32 -22.45 3.16
C GLY C 44 12.35 -21.28 3.04
N LEU C 45 12.59 -20.28 3.88
CA LEU C 45 11.78 -19.07 3.85
C LEU C 45 12.08 -18.24 2.61
N GLU C 46 11.05 -17.64 2.05
CA GLU C 46 11.18 -16.76 0.90
C GLU C 46 10.43 -15.46 1.16
N TRP C 47 11.07 -14.34 0.83
CA TRP C 47 10.49 -13.02 1.04
C TRP C 47 9.71 -12.62 -0.22
N ILE C 48 8.46 -12.20 -0.03
CA ILE C 48 7.51 -12.04 -1.13
C ILE C 48 7.29 -10.57 -1.46
N SER C 49 6.90 -9.75 -0.48
CA SER C 49 6.54 -8.37 -0.77
C SER C 49 6.79 -7.50 0.46
N PHE C 50 6.92 -6.20 0.21
CA PHE C 50 7.17 -5.21 1.25
C PHE C 50 6.52 -3.91 0.83
N ILE C 51 5.76 -3.30 1.75
CA ILE C 51 5.16 -2.00 1.51
C ILE C 51 5.49 -1.10 2.70
N LYS C 52 6.02 0.09 2.40
CA LYS C 52 6.40 1.02 3.45
C LYS C 52 5.16 1.73 4.01
N SER C 53 5.37 2.44 5.11
CA SER C 53 4.27 3.11 5.79
C SER C 53 3.78 4.30 4.97
N LYS C 54 2.76 4.99 5.50
CA LYS C 54 2.23 6.17 4.84
C LYS C 54 3.20 7.33 4.88
N THR C 55 3.99 7.43 5.95
CA THR C 55 4.96 8.51 6.08
C THR C 55 6.05 8.45 5.01
N TYR C 56 6.31 7.28 4.44
CA TYR C 56 7.38 7.10 3.46
C TYR C 56 6.84 6.73 2.08
N GLY C 57 5.57 7.02 1.80
CA GLY C 57 5.01 6.90 0.48
C GLY C 57 4.37 5.57 0.15
N GLY C 58 4.60 4.54 0.96
CA GLY C 58 4.04 3.23 0.68
C GLY C 58 4.55 2.64 -0.62
N THR C 59 5.85 2.71 -0.84
CA THR C 59 6.46 2.21 -2.08
C THR C 59 6.45 0.69 -2.07
N LYS C 60 5.49 0.10 -2.78
CA LYS C 60 5.44 -1.35 -2.91
C LYS C 60 6.56 -1.85 -3.81
N GLU C 61 7.10 -3.02 -3.47
CA GLU C 61 8.16 -3.63 -4.26
C GLU C 61 8.37 -5.07 -3.80
N TYR C 62 8.68 -5.93 -4.76
CA TYR C 62 8.61 -7.38 -4.57
C TYR C 62 9.90 -8.03 -5.05
N ALA C 63 10.01 -9.33 -4.77
CA ALA C 63 11.11 -10.11 -5.29
C ALA C 63 10.91 -10.40 -6.77
N ALA C 64 11.98 -10.85 -7.43
CA ALA C 64 11.93 -11.11 -8.86
C ALA C 64 11.00 -12.26 -9.22
N SER C 65 10.76 -13.18 -8.28
CA SER C 65 9.96 -14.35 -8.60
C SER C 65 8.46 -14.04 -8.70
N VAL C 66 8.00 -13.00 -8.00
CA VAL C 66 6.58 -12.70 -7.94
C VAL C 66 6.25 -11.34 -8.54
N LYS C 67 7.23 -10.68 -9.15
CA LYS C 67 6.96 -9.38 -9.77
C LYS C 67 6.04 -9.55 -10.98
N GLY C 68 5.06 -8.67 -11.09
CA GLY C 68 4.09 -8.74 -12.16
C GLY C 68 2.92 -9.65 -11.89
N ARG C 69 2.93 -10.38 -10.78
CA ARG C 69 1.82 -11.25 -10.42
C ARG C 69 1.23 -10.95 -9.04
N PHE C 70 1.99 -10.37 -8.14
CA PHE C 70 1.54 -10.09 -6.78
C PHE C 70 1.43 -8.59 -6.58
N THR C 71 0.28 -8.14 -6.10
CA THR C 71 0.06 -6.74 -5.76
C THR C 71 -0.34 -6.66 -4.29
N ILE C 72 0.28 -5.74 -3.55
CA ILE C 72 0.05 -5.58 -2.13
C ILE C 72 -0.59 -4.22 -1.88
N SER C 73 -1.63 -4.20 -1.06
CA SER C 73 -2.30 -2.97 -0.68
C SER C 73 -2.63 -3.02 0.80
N ARG C 74 -2.79 -1.85 1.40
CA ARG C 74 -3.11 -1.74 2.82
C ARG C 74 -4.13 -0.65 3.04
N ASP C 75 -5.01 -0.88 4.02
CA ASP C 75 -6.01 0.10 4.45
C ASP C 75 -5.75 0.42 5.91
N ASP C 76 -5.46 1.69 6.20
CA ASP C 76 -5.15 2.09 7.57
C ASP C 76 -6.40 2.19 8.43
N SER C 77 -7.53 2.60 7.84
CA SER C 77 -8.75 2.80 8.63
C SER C 77 -9.22 1.51 9.28
N LYS C 78 -9.16 0.40 8.54
CA LYS C 78 -9.54 -0.90 9.03
C LYS C 78 -8.34 -1.77 9.37
N ASN C 79 -7.16 -1.15 9.54
CA ASN C 79 -5.87 -1.76 9.87
C ASN C 79 -5.73 -3.16 9.26
N ILE C 80 -5.85 -3.25 7.94
CA ILE C 80 -5.82 -4.51 7.23
C ILE C 80 -4.86 -4.39 6.04
N ALA C 81 -4.09 -5.44 5.80
CA ALA C 81 -3.14 -5.49 4.71
C ALA C 81 -3.55 -6.57 3.73
N TYR C 82 -3.57 -6.23 2.45
CA TYR C 82 -4.05 -7.12 1.40
C TYR C 82 -2.90 -7.56 0.50
N LEU C 83 -2.90 -8.84 0.14
CA LEU C 83 -2.01 -9.37 -0.88
C LEU C 83 -2.86 -10.09 -1.92
N GLN C 84 -2.74 -9.66 -3.17
CA GLN C 84 -3.52 -10.21 -4.27
C GLN C 84 -2.58 -10.82 -5.31
N MET C 85 -2.89 -12.03 -5.73
CA MET C 85 -2.04 -12.77 -6.67
C MET C 85 -2.87 -13.19 -7.87
N ASN C 86 -2.42 -12.79 -9.06
CA ASN C 86 -3.00 -13.24 -10.31
C ASN C 86 -2.00 -14.13 -11.04
N SER C 87 -2.52 -15.03 -11.86
CA SER C 87 -1.73 -16.06 -12.52
C SER C 87 -0.98 -16.91 -11.49
N LEU C 88 -1.76 -17.49 -10.58
CA LEU C 88 -1.19 -18.31 -9.52
C LEU C 88 -0.69 -19.64 -10.09
N LYS C 89 0.43 -20.12 -9.56
CA LYS C 89 1.10 -21.30 -10.09
C LYS C 89 1.27 -22.33 -8.98
N THR C 90 1.63 -23.55 -9.40
CA THR C 90 1.79 -24.66 -8.47
C THR C 90 2.99 -24.49 -7.54
N GLU C 91 3.98 -23.69 -7.95
CA GLU C 91 5.14 -23.47 -7.09
C GLU C 91 4.83 -22.57 -5.91
N ASP C 92 3.71 -21.85 -5.95
CA ASP C 92 3.34 -20.92 -4.89
C ASP C 92 2.62 -21.59 -3.74
N THR C 93 2.37 -22.89 -3.81
CA THR C 93 1.76 -23.62 -2.70
C THR C 93 2.68 -23.55 -1.49
N ALA C 94 2.27 -22.80 -0.46
CA ALA C 94 3.15 -22.52 0.67
C ALA C 94 2.29 -21.96 1.81
N VAL C 95 2.97 -21.61 2.89
CA VAL C 95 2.37 -20.93 4.03
C VAL C 95 2.84 -19.48 4.00
N TYR C 96 1.89 -18.55 4.02
CA TYR C 96 2.21 -17.13 3.90
C TYR C 96 2.12 -16.48 5.28
N TYR C 97 3.16 -15.72 5.62
CA TYR C 97 3.26 -15.03 6.90
C TYR C 97 3.12 -13.54 6.70
N CYS C 98 2.46 -12.89 7.66
CA CYS C 98 2.34 -11.44 7.71
C CYS C 98 3.33 -10.92 8.74
N THR C 99 4.24 -10.04 8.30
CA THR C 99 5.32 -9.56 9.15
C THR C 99 5.29 -8.04 9.22
N ARG C 100 5.65 -7.52 10.40
CA ARG C 100 5.70 -6.08 10.64
C ARG C 100 7.17 -5.65 10.66
N GLY C 101 7.57 -4.85 9.68
CA GLY C 101 8.93 -4.34 9.64
C GLY C 101 9.13 -3.19 10.60
N ALA C 102 9.85 -3.44 11.69
CA ALA C 102 10.05 -2.42 12.69
C ALA C 102 11.12 -1.43 12.24
N PRO C 103 10.90 -0.13 12.39
CA PRO C 103 11.90 0.85 11.96
C PRO C 103 13.15 0.80 12.84
N TYR C 104 14.21 1.44 12.34
CA TYR C 104 15.47 1.49 13.07
C TYR C 104 15.31 2.20 14.40
N GLY C 105 14.96 3.48 14.35
CA GLY C 105 14.65 4.22 15.56
C GLY C 105 13.18 4.13 15.86
N GLY C 106 12.59 5.22 16.36
CA GLY C 106 11.13 5.25 16.50
C GLY C 106 10.44 5.12 15.16
N ASN C 107 10.82 5.97 14.21
CA ASN C 107 10.32 5.93 12.84
C ASN C 107 11.45 6.32 11.91
N SER C 108 11.86 5.39 11.05
CA SER C 108 12.95 5.67 10.11
C SER C 108 12.76 4.80 8.88
N ASP C 109 13.38 5.21 7.78
CA ASP C 109 13.28 4.50 6.52
C ASP C 109 14.16 3.26 6.46
N TYR C 110 15.07 3.08 7.42
CA TYR C 110 15.94 1.92 7.45
C TYR C 110 15.31 0.86 8.35
N TYR C 111 15.00 -0.30 7.77
CA TYR C 111 14.31 -1.37 8.48
C TYR C 111 15.33 -2.42 8.92
N TYR C 112 15.30 -2.76 10.21
CA TYR C 112 16.27 -3.65 10.82
C TYR C 112 15.75 -5.07 11.04
N GLY C 113 14.46 -5.31 10.94
CA GLY C 113 13.96 -6.65 11.16
C GLY C 113 12.44 -6.72 11.05
N LEU C 114 11.95 -7.94 10.95
CA LEU C 114 10.52 -8.24 10.96
C LEU C 114 10.19 -8.76 12.37
N ASP C 115 9.56 -7.91 13.17
CA ASP C 115 9.45 -8.19 14.61
C ASP C 115 8.37 -9.23 14.91
N VAL C 116 7.12 -8.92 14.58
CA VAL C 116 5.99 -9.77 14.96
C VAL C 116 5.48 -10.48 13.71
N TRP C 117 5.34 -11.80 13.82
CA TRP C 117 4.89 -12.65 12.73
C TRP C 117 3.52 -13.23 13.05
N GLY C 118 2.67 -13.31 12.04
CA GLY C 118 1.41 -14.00 12.20
C GLY C 118 1.57 -15.50 12.22
N GLN C 119 0.51 -16.19 12.66
CA GLN C 119 0.55 -17.65 12.70
C GLN C 119 0.64 -18.24 11.30
N GLY C 120 0.05 -17.58 10.31
CA GLY C 120 0.16 -18.02 8.94
C GLY C 120 -1.06 -18.79 8.48
N THR C 121 -1.32 -18.74 7.17
CA THR C 121 -2.39 -19.49 6.55
C THR C 121 -1.83 -20.28 5.37
N THR C 122 -2.43 -21.43 5.12
CA THR C 122 -1.97 -22.34 4.07
C THR C 122 -2.65 -21.98 2.76
N VAL C 123 -1.86 -21.69 1.74
CA VAL C 123 -2.35 -21.44 0.40
C VAL C 123 -1.94 -22.63 -0.47
N THR C 124 -2.94 -23.34 -0.99
CA THR C 124 -2.71 -24.52 -1.81
C THR C 124 -3.16 -24.24 -3.24
N VAL C 125 -2.27 -24.45 -4.19
CA VAL C 125 -2.56 -24.29 -5.61
C VAL C 125 -2.49 -25.68 -6.24
N SER C 126 -3.63 -26.18 -6.70
CA SER C 126 -3.70 -27.52 -7.25
C SER C 126 -4.89 -27.60 -8.20
N SER C 127 -4.89 -28.63 -9.03
CA SER C 127 -5.96 -28.86 -9.99
C SER C 127 -6.93 -29.95 -9.55
N ALA C 128 -6.47 -30.92 -8.77
CA ALA C 128 -7.31 -32.04 -8.38
C ALA C 128 -8.37 -31.58 -7.37
N SER C 129 -9.38 -32.41 -7.20
CA SER C 129 -10.49 -32.13 -6.30
C SER C 129 -10.30 -32.91 -5.00
N THR C 130 -11.29 -32.86 -4.12
CA THR C 130 -11.23 -33.54 -2.84
C THR C 130 -11.46 -35.03 -3.05
N LYS C 131 -10.44 -35.83 -2.78
CA LYS C 131 -10.51 -37.29 -2.95
C LYS C 131 -10.29 -37.96 -1.60
N GLY C 132 -11.09 -38.97 -1.31
CA GLY C 132 -11.00 -39.69 -0.07
C GLY C 132 -9.72 -40.50 0.02
N PRO C 133 -9.23 -40.71 1.25
CA PRO C 133 -8.00 -41.49 1.42
C PRO C 133 -8.19 -42.93 0.99
N SER C 134 -7.13 -43.52 0.46
CA SER C 134 -7.11 -44.93 0.07
C SER C 134 -6.17 -45.66 1.03
N VAL C 135 -6.67 -46.70 1.66
CA VAL C 135 -5.92 -47.47 2.66
C VAL C 135 -5.42 -48.73 2.00
N PHE C 136 -4.09 -48.91 1.99
CA PHE C 136 -3.46 -50.10 1.45
C PHE C 136 -2.68 -50.78 2.57
N PRO C 137 -3.01 -52.00 2.94
CA PRO C 137 -2.27 -52.66 4.04
C PRO C 137 -0.85 -52.98 3.63
N LEU C 138 0.05 -52.94 4.62
CA LEU C 138 1.45 -53.32 4.46
C LEU C 138 1.73 -54.36 5.54
N ALA C 139 1.48 -55.63 5.22
CA ALA C 139 1.58 -56.70 6.19
C ALA C 139 3.04 -56.96 6.57
N PRO C 140 3.28 -57.43 7.79
CA PRO C 140 4.66 -57.71 8.20
C PRO C 140 5.22 -58.96 7.55
N SER C 141 6.14 -58.79 6.60
CA SER C 141 6.73 -59.92 5.90
C SER C 141 7.68 -60.69 6.81
N GLY C 148 13.33 -59.49 15.11
CA GLY C 148 12.94 -59.02 16.42
C GLY C 148 11.70 -58.12 16.38
N THR C 149 11.86 -56.94 15.79
CA THR C 149 10.77 -55.99 15.65
C THR C 149 10.26 -56.04 14.22
N ALA C 150 8.95 -56.27 14.06
CA ALA C 150 8.32 -56.35 12.76
C ALA C 150 7.79 -54.99 12.35
N ALA C 151 7.59 -54.82 11.05
CA ALA C 151 7.07 -53.57 10.48
C ALA C 151 5.64 -53.80 10.04
N LEU C 152 4.71 -53.08 10.66
CA LEU C 152 3.30 -53.10 10.29
C LEU C 152 2.87 -51.67 10.00
N GLY C 153 2.26 -51.46 8.84
CA GLY C 153 1.86 -50.12 8.46
C GLY C 153 0.82 -50.11 7.37
N CYS C 154 0.21 -48.94 7.19
CA CYS C 154 -0.79 -48.70 6.16
C CYS C 154 -0.33 -47.57 5.27
N LEU C 155 -0.55 -47.71 3.97
CA LEU C 155 -0.18 -46.69 3.00
C LEU C 155 -1.41 -45.86 2.67
N VAL C 156 -1.30 -44.54 2.82
CA VAL C 156 -2.37 -43.61 2.50
C VAL C 156 -2.05 -43.02 1.13
N LYS C 157 -2.88 -43.32 0.15
CA LYS C 157 -2.69 -42.86 -1.22
C LYS C 157 -3.94 -42.15 -1.70
N ASP C 158 -3.76 -41.17 -2.58
CA ASP C 158 -4.85 -40.39 -3.14
C ASP C 158 -5.56 -39.57 -2.06
N TYR C 159 -4.81 -38.73 -1.37
CA TYR C 159 -5.38 -37.87 -0.36
C TYR C 159 -5.44 -36.53 -1.05
N PHE C 160 -6.61 -35.90 -1.09
CA PHE C 160 -6.73 -34.64 -1.79
C PHE C 160 -7.14 -33.45 -0.95
N PRO C 161 -6.44 -32.32 -1.13
CA PRO C 161 -6.77 -31.08 -0.42
C PRO C 161 -6.88 -31.30 1.09
N GLU C 162 -5.90 -31.95 1.70
CA GLU C 162 -6.02 -32.22 3.12
C GLU C 162 -4.77 -32.50 3.95
N PRO C 163 -4.99 -32.60 5.27
CA PRO C 163 -4.34 -32.90 6.55
C PRO C 163 -5.07 -34.15 7.03
N VAL C 164 -4.36 -35.21 7.40
CA VAL C 164 -5.02 -36.44 7.81
C VAL C 164 -4.52 -36.99 9.12
N THR C 165 -5.36 -37.76 9.81
CA THR C 165 -5.00 -38.31 11.09
C THR C 165 -4.89 -39.83 11.04
N VAL C 166 -3.80 -40.36 11.57
CA VAL C 166 -3.60 -41.80 11.59
C VAL C 166 -3.58 -42.29 13.02
N SER C 167 -4.37 -43.32 13.31
CA SER C 167 -4.45 -43.88 14.65
C SER C 167 -4.10 -45.36 14.57
N TRP C 168 -3.23 -45.82 15.48
CA TRP C 168 -2.82 -47.20 15.55
C TRP C 168 -3.50 -47.87 16.73
N ASN C 169 -4.17 -48.99 16.47
CA ASN C 169 -4.94 -49.71 17.49
C ASN C 169 -6.08 -48.86 18.03
N SER C 170 -6.71 -48.10 17.14
CA SER C 170 -7.79 -47.19 17.51
C SER C 170 -7.33 -46.15 18.53
N GLY C 171 -6.08 -45.70 18.39
CA GLY C 171 -5.48 -44.78 19.32
C GLY C 171 -4.85 -45.42 20.53
N ALA C 172 -4.88 -46.75 20.64
CA ALA C 172 -4.29 -47.41 21.80
C ALA C 172 -2.77 -47.41 21.74
N LEU C 173 -2.20 -47.62 20.55
CA LEU C 173 -0.76 -47.70 20.36
C LEU C 173 -0.23 -46.30 20.07
N THR C 174 0.44 -45.69 21.05
CA THR C 174 1.02 -44.37 20.89
C THR C 174 2.53 -44.40 20.74
N SER C 175 3.21 -45.28 21.46
CA SER C 175 4.66 -45.41 21.33
C SER C 175 5.02 -46.20 20.09
N GLY C 176 6.07 -45.78 19.41
CA GLY C 176 6.50 -46.46 18.20
C GLY C 176 5.69 -46.16 16.96
N VAL C 177 4.88 -45.11 16.99
CA VAL C 177 4.05 -44.73 15.85
C VAL C 177 4.79 -43.62 15.10
N HIS C 178 5.24 -43.91 13.89
CA HIS C 178 5.96 -42.96 13.05
C HIS C 178 5.07 -42.61 11.87
N THR C 179 4.63 -41.36 11.82
CA THR C 179 3.82 -40.86 10.71
C THR C 179 4.72 -40.02 9.81
N PHE C 180 4.91 -40.48 8.58
CA PHE C 180 5.79 -39.81 7.64
C PHE C 180 5.15 -38.52 7.13
N PRO C 181 5.96 -37.57 6.67
CA PRO C 181 5.39 -36.35 6.06
C PRO C 181 4.70 -36.67 4.75
N ALA C 182 3.73 -35.82 4.41
CA ALA C 182 3.00 -35.99 3.16
C ALA C 182 3.91 -35.69 1.96
N VAL C 183 3.69 -36.42 0.88
CA VAL C 183 4.45 -36.25 -0.35
C VAL C 183 3.48 -35.91 -1.47
N LEU C 184 3.80 -34.87 -2.22
CA LEU C 184 2.96 -34.43 -3.34
C LEU C 184 3.21 -35.35 -4.52
N GLN C 185 2.23 -36.20 -4.83
CA GLN C 185 2.37 -37.11 -5.95
C GLN C 185 2.33 -36.35 -7.28
N SER C 186 2.78 -37.02 -8.33
CA SER C 186 2.80 -36.38 -9.65
C SER C 186 1.39 -36.05 -10.13
N SER C 187 0.45 -36.95 -9.90
CA SER C 187 -0.92 -36.72 -10.35
C SER C 187 -1.55 -35.51 -9.67
N GLY C 188 -1.35 -35.37 -8.36
CA GLY C 188 -1.92 -34.26 -7.63
C GLY C 188 -2.44 -34.63 -6.25
N LEU C 189 -2.38 -35.92 -5.92
CA LEU C 189 -2.79 -36.41 -4.62
C LEU C 189 -1.59 -36.52 -3.69
N TYR C 190 -1.87 -36.69 -2.40
CA TYR C 190 -0.85 -36.79 -1.37
C TYR C 190 -0.64 -38.26 -0.99
N SER C 191 0.57 -38.58 -0.57
CA SER C 191 0.95 -39.92 -0.14
C SER C 191 1.47 -39.85 1.27
N LEU C 192 0.96 -40.73 2.14
CA LEU C 192 1.37 -40.79 3.53
C LEU C 192 1.63 -42.23 3.93
N SER C 193 2.51 -42.41 4.91
CA SER C 193 2.88 -43.73 5.39
C SER C 193 2.84 -43.75 6.91
N SER C 194 2.41 -44.88 7.47
CA SER C 194 2.39 -45.10 8.91
C SER C 194 3.27 -46.30 9.22
N VAL C 195 4.06 -46.20 10.28
CA VAL C 195 4.99 -47.25 10.68
C VAL C 195 4.69 -47.64 12.12
N VAL C 196 4.51 -48.94 12.35
CA VAL C 196 4.30 -49.49 13.69
C VAL C 196 5.31 -50.61 13.89
N THR C 197 6.08 -50.53 14.96
CA THR C 197 7.08 -51.54 15.30
C THR C 197 6.58 -52.30 16.52
N VAL C 198 6.41 -53.61 16.37
CA VAL C 198 5.89 -54.45 17.43
C VAL C 198 6.70 -55.74 17.49
N PRO C 199 6.65 -56.43 18.64
CA PRO C 199 7.34 -57.72 18.74
C PRO C 199 6.76 -58.74 17.77
N SER C 200 7.61 -59.64 17.30
CA SER C 200 7.17 -60.63 16.32
C SER C 200 6.10 -61.55 16.90
N SER C 201 6.27 -61.98 18.15
CA SER C 201 5.28 -62.84 18.78
C SER C 201 3.94 -62.12 18.93
N SER C 202 3.98 -60.85 19.35
CA SER C 202 2.76 -60.09 19.55
C SER C 202 2.05 -59.72 18.24
N LEU C 203 2.71 -59.93 17.09
CA LEU C 203 2.09 -59.59 15.81
C LEU C 203 0.84 -60.42 15.56
N GLY C 204 0.88 -61.70 15.89
CA GLY C 204 -0.25 -62.59 15.70
C GLY C 204 -1.29 -62.55 16.79
N THR C 205 -1.09 -61.76 17.84
CA THR C 205 -2.03 -61.68 18.95
C THR C 205 -2.84 -60.39 18.93
N GLN C 206 -2.19 -59.23 18.92
CA GLN C 206 -2.90 -57.97 18.91
C GLN C 206 -3.58 -57.75 17.57
N THR C 207 -4.79 -57.19 17.61
CA THR C 207 -5.54 -56.89 16.39
C THR C 207 -5.17 -55.47 15.96
N TYR C 208 -4.16 -55.37 15.11
CA TYR C 208 -3.66 -54.08 14.64
C TYR C 208 -4.72 -53.44 13.75
N ILE C 209 -5.39 -52.42 14.25
CA ILE C 209 -6.44 -51.71 13.51
C ILE C 209 -5.96 -50.28 13.28
N CYS C 210 -6.05 -49.83 12.04
CA CYS C 210 -5.63 -48.49 11.66
C CYS C 210 -6.86 -47.65 11.35
N ASN C 211 -6.95 -46.47 11.95
CA ASN C 211 -8.04 -45.55 11.72
C ASN C 211 -7.50 -44.33 10.97
N VAL C 212 -8.06 -44.06 9.80
CA VAL C 212 -7.66 -42.93 8.97
C VAL C 212 -8.88 -42.04 8.79
N ASN C 213 -8.73 -40.76 9.13
CA ASN C 213 -9.81 -39.78 9.02
C ASN C 213 -9.39 -38.69 8.04
N HIS C 214 -10.17 -38.52 6.97
CA HIS C 214 -9.96 -37.46 5.99
C HIS C 214 -11.02 -36.40 6.26
N LYS C 215 -10.65 -35.37 7.01
CA LYS C 215 -11.62 -34.35 7.39
C LYS C 215 -12.24 -33.62 6.21
N PRO C 216 -11.48 -33.15 5.22
CA PRO C 216 -12.10 -32.42 4.11
C PRO C 216 -13.16 -33.20 3.35
N SER C 217 -12.95 -34.51 3.18
CA SER C 217 -13.90 -35.33 2.44
C SER C 217 -14.96 -35.96 3.32
N ASN C 218 -14.84 -35.83 4.65
CA ASN C 218 -15.79 -36.44 5.58
C ASN C 218 -15.88 -37.94 5.40
N THR C 219 -14.76 -38.58 5.10
CA THR C 219 -14.69 -40.01 4.86
C THR C 219 -13.80 -40.65 5.92
N LYS C 220 -14.30 -41.72 6.53
CA LYS C 220 -13.56 -42.48 7.53
C LYS C 220 -13.26 -43.86 6.98
N VAL C 221 -11.99 -44.25 7.02
CA VAL C 221 -11.53 -45.52 6.48
C VAL C 221 -10.85 -46.30 7.61
N ASP C 222 -11.21 -47.57 7.73
CA ASP C 222 -10.58 -48.48 8.68
C ASP C 222 -9.98 -49.65 7.92
N LYS C 223 -8.74 -50.01 8.27
CA LYS C 223 -8.03 -51.09 7.61
C LYS C 223 -7.40 -52.00 8.66
N LYS C 224 -7.21 -53.27 8.29
CA LYS C 224 -6.63 -54.27 9.18
C LYS C 224 -5.35 -54.79 8.56
N VAL C 225 -4.29 -54.84 9.36
CA VAL C 225 -2.99 -55.32 8.91
C VAL C 225 -2.78 -56.70 9.52
N GLU C 226 -2.71 -57.72 8.68
CA GLU C 226 -2.51 -59.10 9.09
C GLU C 226 -1.41 -59.70 8.23
N PRO C 227 -0.74 -60.73 8.73
CA PRO C 227 0.33 -61.36 7.94
C PRO C 227 -0.24 -61.95 6.65
N LYS C 228 0.56 -61.84 5.58
CA LYS C 228 0.15 -62.35 4.27
C LYS C 228 0.49 -63.82 4.13
N ASP D 1 20.52 -8.17 -7.37
CA ASP D 1 20.16 -8.64 -6.03
C ASP D 1 21.40 -8.99 -5.23
N ILE D 2 21.21 -9.52 -4.03
CA ILE D 2 22.29 -9.90 -3.13
C ILE D 2 22.14 -11.38 -2.85
N GLN D 3 23.18 -12.16 -3.14
CA GLN D 3 23.13 -13.59 -2.86
C GLN D 3 23.45 -13.82 -1.38
N MET D 4 22.80 -14.82 -0.79
CA MET D 4 22.88 -15.06 0.64
C MET D 4 23.11 -16.54 0.88
N THR D 5 24.29 -16.89 1.38
CA THR D 5 24.65 -18.27 1.67
C THR D 5 24.86 -18.45 3.16
N GLN D 6 24.22 -19.48 3.72
CA GLN D 6 24.42 -19.87 5.11
C GLN D 6 25.18 -21.19 5.14
N SER D 7 26.18 -21.28 5.98
CA SER D 7 26.97 -22.48 6.06
C SER D 7 26.96 -23.06 7.45
N PRO D 8 27.12 -24.38 7.56
CA PRO D 8 26.55 -25.46 6.76
C PRO D 8 25.11 -25.65 7.08
N SER D 9 24.34 -26.24 6.17
CA SER D 9 22.94 -26.43 6.42
C SER D 9 22.72 -27.32 7.60
N SER D 10 23.47 -28.40 7.66
CA SER D 10 23.26 -29.29 8.76
C SER D 10 24.38 -29.20 9.73
N LEU D 11 24.02 -28.76 10.90
CA LEU D 11 24.99 -28.64 11.97
C LEU D 11 24.54 -29.48 13.16
N SER D 12 25.43 -30.34 13.64
CA SER D 12 25.14 -31.22 14.76
C SER D 12 25.83 -30.72 16.02
N ALA D 13 25.10 -30.74 17.13
CA ALA D 13 25.65 -30.28 18.40
C ALA D 13 24.97 -31.01 19.54
N SER D 14 25.64 -31.01 20.69
CA SER D 14 25.10 -31.60 21.90
C SER D 14 24.54 -30.49 22.80
N VAL D 15 23.98 -30.91 23.93
CA VAL D 15 23.36 -29.99 24.87
C VAL D 15 24.45 -29.29 25.68
N GLY D 16 24.53 -27.97 25.58
CA GLY D 16 25.42 -27.18 26.40
C GLY D 16 26.73 -26.77 25.76
N ASP D 17 26.92 -27.02 24.46
CA ASP D 17 28.16 -26.69 23.80
C ASP D 17 28.04 -25.36 23.07
N ARG D 18 29.06 -25.03 22.27
CA ARG D 18 29.12 -23.78 21.52
C ARG D 18 28.90 -24.06 20.04
N VAL D 19 28.08 -23.21 19.40
CA VAL D 19 27.66 -23.39 18.03
C VAL D 19 27.97 -22.12 17.24
N THR D 20 28.57 -22.29 16.07
CA THR D 20 28.84 -21.18 15.15
C THR D 20 28.03 -21.39 13.88
N ILE D 21 27.28 -20.37 13.49
CA ILE D 21 26.52 -20.37 12.24
C ILE D 21 26.94 -19.15 11.46
N THR D 22 27.43 -19.35 10.24
CA THR D 22 28.03 -18.29 9.44
C THR D 22 27.09 -17.91 8.31
N CYS D 23 26.84 -16.61 8.16
CA CYS D 23 26.11 -16.05 7.03
C CYS D 23 27.05 -15.19 6.23
N ARG D 24 27.20 -15.50 4.94
CA ARG D 24 28.14 -14.81 4.07
C ARG D 24 27.38 -14.07 2.98
N THR D 25 27.83 -12.85 2.68
CA THR D 25 27.13 -11.95 1.79
C THR D 25 28.00 -11.61 0.59
N SER D 26 27.35 -11.11 -0.46
CA SER D 26 28.07 -10.77 -1.68
C SER D 26 28.73 -9.39 -1.57
N GLN D 27 27.93 -8.33 -1.44
CA GLN D 27 28.46 -7.02 -1.11
C GLN D 27 28.47 -6.83 0.40
N ASP D 28 28.78 -5.62 0.84
CA ASP D 28 28.92 -5.31 2.26
C ASP D 28 27.61 -4.70 2.74
N VAL D 29 26.96 -5.36 3.70
CA VAL D 29 25.63 -4.95 4.15
C VAL D 29 25.70 -3.83 5.18
N ARG D 30 26.89 -3.52 5.70
CA ARG D 30 27.10 -2.48 6.70
C ARG D 30 26.34 -2.78 7.99
N GLY D 31 26.54 -4.00 8.48
CA GLY D 31 26.01 -4.42 9.76
C GLY D 31 24.50 -4.30 9.88
N ALA D 32 23.76 -4.78 8.88
CA ALA D 32 22.30 -4.72 8.88
C ALA D 32 21.72 -6.10 8.61
N LEU D 33 22.22 -7.11 9.31
CA LEU D 33 21.67 -8.45 9.20
C LEU D 33 20.68 -8.71 10.34
N ALA D 34 19.75 -9.63 10.09
CA ALA D 34 18.81 -10.08 11.10
C ALA D 34 18.79 -11.59 11.10
N TRP D 35 18.90 -12.18 12.28
CA TRP D 35 18.92 -13.63 12.45
C TRP D 35 17.57 -14.09 12.99
N TYR D 36 17.00 -15.08 12.35
CA TYR D 36 15.70 -15.59 12.73
C TYR D 36 15.76 -17.04 13.11
N GLN D 37 14.94 -17.43 14.07
CA GLN D 37 14.89 -18.81 14.46
C GLN D 37 13.48 -19.30 14.23
N GLN D 38 13.37 -20.45 13.58
CA GLN D 38 12.06 -21.00 13.37
C GLN D 38 11.98 -22.34 14.06
N LYS D 39 11.01 -22.47 14.94
CA LYS D 39 10.78 -23.76 15.57
C LYS D 39 9.96 -24.55 14.55
N PRO D 40 10.04 -25.87 14.60
CA PRO D 40 9.33 -26.62 13.56
C PRO D 40 7.84 -26.36 13.57
N GLY D 41 7.28 -26.15 12.38
CA GLY D 41 5.86 -25.91 12.23
C GLY D 41 5.30 -24.77 13.05
N LYS D 42 6.03 -23.66 13.12
CA LYS D 42 5.54 -22.50 13.87
C LYS D 42 6.15 -21.22 13.34
N ALA D 43 5.61 -20.08 13.75
CA ALA D 43 6.09 -18.79 13.28
C ALA D 43 7.53 -18.48 13.63
N PRO D 44 8.26 -17.89 12.68
CA PRO D 44 9.65 -17.51 12.96
C PRO D 44 9.71 -16.34 13.94
N LYS D 45 10.81 -16.27 14.65
CA LYS D 45 11.01 -15.24 15.67
C LYS D 45 12.27 -14.46 15.35
N LEU D 46 12.29 -13.19 15.74
CA LEU D 46 13.45 -12.34 15.57
C LEU D 46 14.42 -12.59 16.72
N LEU D 47 15.64 -13.02 16.39
CA LEU D 47 16.62 -13.40 17.38
C LEU D 47 17.71 -12.36 17.55
N ILE D 48 18.39 -12.01 16.47
CA ILE D 48 19.54 -11.11 16.51
C ILE D 48 19.34 -10.00 15.49
N PHE D 49 19.54 -8.77 15.92
CA PHE D 49 19.31 -7.58 15.11
C PHE D 49 20.55 -6.71 15.10
N ASP D 50 20.59 -5.98 13.99
CA ASP D 50 21.61 -5.01 13.69
C ASP D 50 22.87 -5.72 13.96
N ALA D 51 22.99 -6.91 13.41
CA ALA D 51 24.13 -7.78 13.61
C ALA D 51 24.27 -7.98 15.11
N SER D 52 25.22 -7.31 15.72
CA SER D 52 25.46 -7.51 17.12
C SER D 52 24.35 -7.22 18.12
N SER D 53 23.59 -6.17 17.97
CA SER D 53 22.62 -5.88 19.01
C SER D 53 21.56 -6.93 19.21
N LEU D 54 21.32 -7.22 20.47
CA LEU D 54 20.42 -8.30 20.84
C LEU D 54 19.01 -7.76 21.05
N GLU D 55 18.02 -8.49 20.54
CA GLU D 55 16.63 -8.09 20.61
C GLU D 55 16.00 -8.56 21.92
N THR D 56 15.05 -7.78 22.42
CA THR D 56 14.42 -8.08 23.71
C THR D 56 13.57 -9.34 23.62
N GLY D 57 13.67 -10.18 24.64
CA GLY D 57 13.03 -11.48 24.63
C GLY D 57 13.93 -12.65 24.33
N VAL D 58 15.24 -12.41 24.21
CA VAL D 58 16.23 -13.45 23.92
C VAL D 58 17.20 -13.47 25.09
N PRO D 59 17.54 -14.64 25.63
CA PRO D 59 18.52 -14.68 26.71
C PRO D 59 19.95 -14.52 26.20
N SER D 60 20.86 -14.33 27.15
CA SER D 60 22.21 -13.91 26.84
C SER D 60 23.02 -14.96 26.08
N ARG D 61 22.54 -16.19 25.97
CA ARG D 61 23.30 -17.23 25.28
C ARG D 61 23.48 -16.92 23.80
N PHE D 62 22.62 -16.10 23.21
CA PHE D 62 22.68 -15.78 21.80
C PHE D 62 23.50 -14.50 21.60
N SER D 63 24.42 -14.54 20.63
CA SER D 63 25.25 -13.39 20.34
C SER D 63 25.59 -13.37 18.86
N GLY D 64 25.88 -12.18 18.35
CA GLY D 64 26.28 -12.02 16.97
C GLY D 64 27.64 -11.36 16.85
N SER D 65 28.30 -11.52 15.71
CA SER D 65 29.64 -10.97 15.53
C SER D 65 29.91 -10.77 14.06
N GLY D 66 31.00 -10.05 13.78
CA GLY D 66 31.44 -9.83 12.41
C GLY D 66 30.76 -8.63 11.77
N SER D 67 31.33 -8.22 10.64
CA SER D 67 30.80 -7.10 9.88
C SER D 67 31.33 -7.19 8.45
N GLY D 68 30.70 -6.43 7.57
CA GLY D 68 31.12 -6.37 6.18
C GLY D 68 30.60 -7.51 5.33
N THR D 69 31.21 -8.68 5.45
CA THR D 69 30.82 -9.81 4.62
C THR D 69 30.54 -11.05 5.46
N VAL D 70 31.28 -11.23 6.54
CA VAL D 70 31.17 -12.42 7.37
C VAL D 70 30.40 -12.08 8.64
N PHE D 71 29.41 -12.89 8.96
CA PHE D 71 28.60 -12.73 10.17
C PHE D 71 28.39 -14.09 10.80
N THR D 72 28.49 -14.14 12.13
CA THR D 72 28.41 -15.40 12.86
C THR D 72 27.52 -15.25 14.08
N LEU D 73 26.83 -16.34 14.43
CA LEU D 73 26.11 -16.45 15.68
C LEU D 73 26.86 -17.41 16.60
N THR D 74 27.18 -16.94 17.80
CA THR D 74 27.81 -17.77 18.82
C THR D 74 26.82 -18.01 19.94
N ILE D 75 26.57 -19.29 20.24
CA ILE D 75 25.71 -19.68 21.34
C ILE D 75 26.60 -20.29 22.43
N SER D 76 26.49 -19.75 23.64
CA SER D 76 27.36 -20.17 24.73
C SER D 76 27.05 -21.61 25.15
N SER D 77 25.84 -21.84 25.65
CA SER D 77 25.40 -23.16 26.09
C SER D 77 24.10 -23.50 25.39
N LEU D 78 24.10 -24.61 24.67
CA LEU D 78 22.92 -24.95 23.92
C LEU D 78 21.92 -25.72 24.75
N GLN D 79 20.80 -25.07 24.96
CA GLN D 79 19.68 -25.62 25.68
C GLN D 79 18.82 -26.43 24.72
N PRO D 80 17.88 -27.19 25.29
CA PRO D 80 16.87 -27.98 24.57
C PRO D 80 16.07 -26.98 23.76
N GLU D 81 15.84 -25.82 24.37
CA GLU D 81 15.20 -24.69 23.75
C GLU D 81 16.25 -24.20 22.76
N ASP D 82 15.80 -23.78 21.59
CA ASP D 82 16.70 -23.27 20.56
C ASP D 82 17.22 -24.32 19.56
N PHE D 83 16.79 -25.58 19.69
CA PHE D 83 17.25 -26.56 18.74
C PHE D 83 16.15 -26.39 17.73
N ALA D 84 16.47 -25.70 16.64
CA ALA D 84 15.49 -25.38 15.61
C ALA D 84 16.24 -24.95 14.36
N ALA D 85 15.55 -24.29 13.44
CA ALA D 85 16.13 -23.79 12.21
C ALA D 85 16.47 -22.31 12.36
N TYR D 86 17.62 -21.91 11.81
CA TYR D 86 18.10 -20.54 11.89
C TYR D 86 18.24 -19.95 10.50
N TYR D 87 17.81 -18.71 10.33
CA TYR D 87 17.87 -18.00 9.06
C TYR D 87 18.51 -16.64 9.26
N CYS D 88 19.19 -16.15 8.22
CA CYS D 88 19.73 -14.80 8.20
C CYS D 88 19.12 -14.03 7.03
N GLN D 89 18.93 -12.73 7.23
CA GLN D 89 18.25 -11.89 6.26
C GLN D 89 18.97 -10.55 6.17
N GLN D 90 19.09 -10.04 4.95
CA GLN D 90 19.84 -8.81 4.66
C GLN D 90 18.90 -7.62 4.62
N PHE D 91 19.40 -6.46 5.07
CA PHE D 91 18.57 -5.26 5.19
C PHE D 91 19.27 -4.01 4.67
N LEU D 92 20.19 -4.15 3.71
CA LEU D 92 20.85 -2.99 3.13
C LEU D 92 20.05 -2.43 1.97
N ASP D 93 19.87 -3.20 0.92
CA ASP D 93 19.08 -2.72 -0.18
C ASP D 93 18.08 -3.77 -0.53
N PHE D 94 16.98 -3.38 -1.14
CA PHE D 94 15.98 -4.35 -1.53
C PHE D 94 16.54 -5.32 -2.55
N PRO D 95 16.21 -6.59 -2.46
CA PRO D 95 15.11 -7.27 -1.80
C PRO D 95 15.69 -7.99 -0.60
N PHE D 96 14.87 -8.21 0.41
CA PHE D 96 15.35 -8.83 1.61
C PHE D 96 15.37 -10.31 1.42
N THR D 97 16.42 -10.80 0.80
CA THR D 97 16.53 -12.23 0.55
C THR D 97 16.80 -13.00 1.84
N PHE D 98 16.34 -14.24 1.88
CA PHE D 98 16.62 -15.15 2.98
C PHE D 98 17.67 -16.17 2.54
N GLY D 99 18.43 -16.65 3.52
CA GLY D 99 19.40 -17.68 3.25
C GLY D 99 18.75 -19.04 3.09
N GLN D 100 19.59 -20.04 2.82
CA GLN D 100 19.08 -21.41 2.71
C GLN D 100 18.50 -21.88 4.03
N GLY D 101 19.16 -21.58 5.12
CA GLY D 101 18.72 -22.02 6.43
C GLY D 101 19.68 -23.05 7.01
N THR D 102 19.82 -23.01 8.33
CA THR D 102 20.65 -23.95 9.07
C THR D 102 19.78 -24.72 10.05
N ARG D 103 19.88 -26.03 10.04
CA ARG D 103 19.12 -26.89 10.93
C ARG D 103 20.02 -27.42 12.04
N LEU D 104 19.57 -27.28 13.28
CA LEU D 104 20.30 -27.76 14.44
C LEU D 104 19.74 -29.12 14.85
N GLU D 105 20.58 -30.14 14.83
CA GLU D 105 20.19 -31.49 15.20
C GLU D 105 20.99 -31.94 16.41
N ILE D 106 20.33 -32.64 17.32
CA ILE D 106 20.98 -33.10 18.54
C ILE D 106 22.00 -34.17 18.20
N LYS D 107 23.22 -34.01 18.73
CA LYS D 107 24.27 -34.99 18.49
C LYS D 107 23.94 -36.29 19.21
N ARG D 108 24.19 -37.42 18.54
CA ARG D 108 23.89 -38.73 19.08
C ARG D 108 24.86 -39.73 18.50
N THR D 109 24.99 -40.88 19.18
CA THR D 109 25.87 -41.93 18.73
C THR D 109 25.41 -42.46 17.38
N VAL D 110 26.37 -42.83 16.54
CA VAL D 110 26.05 -43.32 15.20
C VAL D 110 25.34 -44.66 15.32
N ALA D 111 24.07 -44.70 14.93
CA ALA D 111 23.25 -45.90 14.98
C ALA D 111 22.80 -46.24 13.58
N ALA D 112 23.05 -47.49 13.16
CA ALA D 112 22.65 -47.94 11.84
C ALA D 112 21.13 -48.12 11.79
N PRO D 113 20.55 -48.02 10.61
CA PRO D 113 19.10 -48.18 10.49
C PRO D 113 18.70 -49.64 10.33
N SER D 114 17.40 -49.88 10.55
CA SER D 114 16.82 -51.20 10.36
C SER D 114 16.07 -51.20 9.03
N VAL D 115 16.40 -52.15 8.16
CA VAL D 115 15.82 -52.22 6.83
C VAL D 115 14.58 -53.10 6.89
N PHE D 116 13.43 -52.52 6.55
CA PHE D 116 12.17 -53.25 6.45
C PHE D 116 11.62 -53.07 5.05
N ILE D 117 11.36 -54.18 4.37
CA ILE D 117 10.87 -54.16 2.99
C ILE D 117 9.39 -54.50 3.03
N PHE D 118 8.54 -53.54 2.66
CA PHE D 118 7.11 -53.77 2.62
C PHE D 118 6.75 -54.34 1.25
N PRO D 119 6.16 -55.54 1.19
CA PRO D 119 5.85 -56.13 -0.11
C PRO D 119 4.75 -55.36 -0.81
N PRO D 120 4.52 -55.62 -2.09
CA PRO D 120 3.44 -54.92 -2.80
C PRO D 120 2.10 -55.21 -2.14
N SER D 121 1.23 -54.21 -2.13
CA SER D 121 -0.07 -54.34 -1.49
C SER D 121 -0.95 -55.29 -2.28
N ASP D 122 -1.54 -56.27 -1.59
CA ASP D 122 -2.46 -57.19 -2.26
C ASP D 122 -3.70 -56.47 -2.74
N GLU D 123 -4.24 -55.56 -1.92
CA GLU D 123 -5.43 -54.82 -2.32
C GLU D 123 -5.12 -53.82 -3.44
N GLN D 124 -3.94 -53.21 -3.41
CA GLN D 124 -3.56 -52.25 -4.42
C GLN D 124 -3.06 -52.90 -5.71
N LEU D 125 -2.88 -54.22 -5.73
CA LEU D 125 -2.42 -54.89 -6.94
C LEU D 125 -3.44 -54.74 -8.07
N LYS D 126 -4.73 -54.90 -7.76
CA LYS D 126 -5.78 -54.75 -8.75
C LYS D 126 -6.29 -53.32 -8.86
N SER D 127 -5.85 -52.42 -7.97
CA SER D 127 -6.29 -51.03 -8.03
C SER D 127 -5.78 -50.35 -9.29
N GLY D 128 -4.53 -50.61 -9.66
CA GLY D 128 -3.94 -49.99 -10.83
C GLY D 128 -2.60 -49.33 -10.53
N THR D 129 -2.34 -49.05 -9.25
CA THR D 129 -1.08 -48.47 -8.81
C THR D 129 -0.42 -49.44 -7.85
N ALA D 130 0.79 -49.87 -8.17
CA ALA D 130 1.55 -50.80 -7.36
C ALA D 130 2.73 -50.06 -6.75
N SER D 131 2.88 -50.16 -5.44
CA SER D 131 3.92 -49.46 -4.71
C SER D 131 4.74 -50.44 -3.88
N VAL D 132 6.03 -50.13 -3.75
CA VAL D 132 6.94 -50.88 -2.89
C VAL D 132 7.44 -49.91 -1.82
N VAL D 133 7.35 -50.30 -0.57
CA VAL D 133 7.66 -49.44 0.57
C VAL D 133 8.91 -49.98 1.26
N CYS D 134 9.91 -49.12 1.40
CA CYS D 134 11.11 -49.43 2.16
C CYS D 134 11.15 -48.51 3.37
N LEU D 135 11.26 -49.10 4.55
CA LEU D 135 11.21 -48.36 5.81
C LEU D 135 12.52 -48.53 6.56
N LEU D 136 13.13 -47.42 6.95
CA LEU D 136 14.33 -47.41 7.78
C LEU D 136 13.98 -46.70 9.08
N ASN D 137 14.04 -47.44 10.19
CA ASN D 137 13.69 -46.91 11.49
C ASN D 137 14.94 -46.79 12.35
N ASN D 138 15.02 -45.70 13.11
CA ASN D 138 16.15 -45.43 14.00
C ASN D 138 17.46 -45.33 13.21
N PHE D 139 17.57 -44.29 12.40
CA PHE D 139 18.77 -44.09 11.61
C PHE D 139 19.44 -42.78 12.01
N TYR D 140 20.75 -42.80 12.21
CA TYR D 140 21.48 -41.57 12.53
C TYR D 140 22.75 -41.62 11.73
N PRO D 141 23.19 -40.51 11.15
CA PRO D 141 22.93 -39.08 10.94
C PRO D 141 21.77 -38.93 9.96
N ARG D 142 21.26 -37.73 9.78
CA ARG D 142 20.12 -37.53 8.91
C ARG D 142 20.39 -37.98 7.48
N GLU D 143 21.57 -37.77 6.94
CA GLU D 143 21.84 -38.16 5.57
C GLU D 143 21.89 -39.66 5.34
N ALA D 144 21.16 -40.14 4.35
CA ALA D 144 21.13 -41.56 4.00
C ALA D 144 20.78 -41.65 2.53
N LYS D 145 21.20 -42.71 1.86
CA LYS D 145 20.91 -42.89 0.44
C LYS D 145 20.15 -44.19 0.24
N VAL D 146 19.06 -44.13 -0.49
CA VAL D 146 18.24 -45.30 -0.82
C VAL D 146 18.20 -45.43 -2.33
N GLN D 147 18.60 -46.59 -2.84
CA GLN D 147 18.60 -46.87 -4.26
C GLN D 147 17.59 -47.97 -4.56
N TRP D 148 16.65 -47.69 -5.46
CA TRP D 148 15.62 -48.65 -5.83
C TRP D 148 16.14 -49.47 -7.02
N LYS D 149 16.60 -50.69 -6.74
CA LYS D 149 17.15 -51.57 -7.76
C LYS D 149 16.09 -52.60 -8.14
N VAL D 150 15.71 -52.63 -9.40
CA VAL D 150 14.71 -53.55 -9.93
C VAL D 150 15.39 -54.45 -10.94
N ASP D 151 15.28 -55.77 -10.74
CA ASP D 151 15.91 -56.75 -11.62
C ASP D 151 17.42 -56.54 -11.72
N ASN D 152 18.03 -56.18 -10.60
CA ASN D 152 19.47 -55.89 -10.50
C ASN D 152 19.87 -54.59 -11.17
N ALA D 153 18.90 -53.79 -11.63
CA ALA D 153 19.17 -52.51 -12.28
C ALA D 153 18.54 -51.40 -11.46
N LEU D 154 19.32 -50.36 -11.18
CA LEU D 154 18.82 -49.24 -10.40
C LEU D 154 17.75 -48.49 -11.17
N GLN D 155 16.70 -48.10 -10.47
CA GLN D 155 15.60 -47.34 -11.04
C GLN D 155 15.58 -45.95 -10.43
N SER D 156 15.42 -44.94 -11.28
CA SER D 156 15.45 -43.54 -10.84
C SER D 156 14.29 -42.79 -11.48
N GLY D 157 13.87 -41.72 -10.81
CA GLY D 157 12.80 -40.88 -11.31
C GLY D 157 11.40 -41.35 -10.97
N ASN D 158 11.26 -42.47 -10.27
CA ASN D 158 9.96 -43.00 -9.89
C ASN D 158 9.87 -43.28 -8.40
N SER D 159 10.61 -42.53 -7.59
CA SER D 159 10.68 -42.75 -6.15
C SER D 159 10.38 -41.46 -5.41
N GLN D 160 9.64 -41.57 -4.31
CA GLN D 160 9.37 -40.46 -3.41
C GLN D 160 9.95 -40.79 -2.05
N GLU D 161 10.68 -39.84 -1.47
CA GLU D 161 11.39 -40.05 -0.21
C GLU D 161 10.81 -39.14 0.85
N SER D 162 10.54 -39.70 2.03
CA SER D 162 10.04 -38.95 3.18
C SER D 162 10.91 -39.24 4.37
N VAL D 163 11.11 -38.22 5.22
CA VAL D 163 11.95 -38.32 6.40
C VAL D 163 11.15 -37.84 7.60
N THR D 164 11.18 -38.63 8.68
CA THR D 164 10.51 -38.27 9.91
C THR D 164 11.42 -37.40 10.76
N GLU D 165 10.82 -36.43 11.46
CA GLU D 165 11.59 -35.51 12.27
C GLU D 165 12.22 -36.24 13.45
N GLN D 166 13.15 -35.55 14.11
CA GLN D 166 13.86 -36.14 15.25
C GLN D 166 12.86 -36.42 16.38
N ASP D 167 12.85 -37.66 16.84
CA ASP D 167 11.93 -38.05 17.91
C ASP D 167 12.29 -37.32 19.19
N SER D 168 11.25 -36.87 19.92
CA SER D 168 11.46 -36.14 21.15
C SER D 168 11.99 -37.02 22.28
N LYS D 169 11.97 -38.34 22.13
CA LYS D 169 12.40 -39.26 23.17
C LYS D 169 13.82 -39.78 22.94
N ASP D 170 14.06 -40.41 21.79
CA ASP D 170 15.34 -41.02 21.51
C ASP D 170 16.21 -40.22 20.56
N SER D 171 15.63 -39.25 19.83
CA SER D 171 16.37 -38.44 18.87
C SER D 171 16.87 -39.30 17.70
N THR D 172 15.97 -40.05 17.09
CA THR D 172 16.25 -40.87 15.94
C THR D 172 15.52 -40.31 14.72
N TYR D 173 15.61 -41.03 13.60
CA TYR D 173 14.97 -40.61 12.36
C TYR D 173 14.36 -41.83 11.67
N SER D 174 13.39 -41.55 10.79
CA SER D 174 12.75 -42.60 9.99
C SER D 174 12.74 -42.15 8.54
N LEU D 175 12.95 -43.10 7.63
CA LEU D 175 13.01 -42.82 6.20
C LEU D 175 12.10 -43.79 5.45
N SER D 176 11.32 -43.27 4.51
CA SER D 176 10.39 -44.08 3.74
C SER D 176 10.59 -43.80 2.25
N SER D 177 10.74 -44.86 1.47
CA SER D 177 10.90 -44.78 0.02
C SER D 177 9.77 -45.54 -0.64
N THR D 178 9.06 -44.88 -1.55
CA THR D 178 7.95 -45.48 -2.28
C THR D 178 8.31 -45.53 -3.76
N LEU D 179 8.32 -46.73 -4.32
CA LEU D 179 8.60 -46.93 -5.74
C LEU D 179 7.27 -47.06 -6.47
N THR D 180 7.03 -46.16 -7.42
CA THR D 180 5.79 -46.16 -8.18
C THR D 180 5.99 -46.99 -9.45
N LEU D 181 5.27 -48.11 -9.54
CA LEU D 181 5.33 -48.96 -10.71
C LEU D 181 3.91 -49.35 -11.11
N SER D 182 3.61 -49.23 -12.40
CA SER D 182 2.29 -49.62 -12.89
C SER D 182 2.15 -51.14 -12.85
N LYS D 183 0.96 -51.61 -13.21
CA LYS D 183 0.71 -53.06 -13.22
C LYS D 183 1.66 -53.75 -14.20
N ALA D 184 1.81 -53.19 -15.40
CA ALA D 184 2.74 -53.75 -16.37
C ALA D 184 4.18 -53.68 -15.86
N ASP D 185 4.55 -52.54 -15.26
CA ASP D 185 5.89 -52.41 -14.70
C ASP D 185 6.09 -53.36 -13.53
N TYR D 186 5.07 -53.53 -12.69
CA TYR D 186 5.18 -54.45 -11.57
C TYR D 186 5.35 -55.89 -12.04
N GLU D 187 4.62 -56.28 -13.08
CA GLU D 187 4.72 -57.66 -13.57
C GLU D 187 6.02 -57.89 -14.34
N LYS D 188 6.50 -56.88 -15.06
CA LYS D 188 7.68 -57.06 -15.92
C LYS D 188 8.92 -57.38 -15.11
N HIS D 189 9.11 -56.70 -13.98
CA HIS D 189 10.30 -56.92 -13.16
C HIS D 189 10.24 -58.29 -12.49
N LYS D 190 11.40 -58.77 -12.05
CA LYS D 190 11.52 -60.07 -11.41
C LYS D 190 11.89 -59.95 -9.93
N VAL D 191 12.98 -59.25 -9.62
CA VAL D 191 13.42 -59.08 -8.24
C VAL D 191 13.53 -57.58 -7.98
N TYR D 192 12.85 -57.10 -6.94
CA TYR D 192 12.88 -55.70 -6.55
C TYR D 192 13.54 -55.58 -5.19
N ALA D 193 14.52 -54.67 -5.08
CA ALA D 193 15.28 -54.51 -3.85
C ALA D 193 15.64 -53.05 -3.67
N CYS D 194 15.94 -52.69 -2.42
CA CYS D 194 16.37 -51.34 -2.07
C CYS D 194 17.72 -51.42 -1.36
N GLU D 195 18.67 -50.60 -1.80
CA GLU D 195 20.01 -50.55 -1.24
C GLU D 195 20.13 -49.32 -0.36
N VAL D 196 20.57 -49.51 0.88
CA VAL D 196 20.66 -48.44 1.88
C VAL D 196 22.13 -48.20 2.18
N THR D 197 22.55 -46.94 2.07
CA THR D 197 23.92 -46.53 2.38
C THR D 197 23.87 -45.62 3.60
N HIS D 198 24.36 -46.10 4.72
CA HIS D 198 24.36 -45.34 5.97
C HIS D 198 25.75 -45.42 6.61
N GLN D 199 26.07 -44.42 7.42
CA GLN D 199 27.36 -44.40 8.09
C GLN D 199 27.54 -45.59 9.01
N GLY D 200 26.48 -45.95 9.75
CA GLY D 200 26.57 -47.11 10.63
C GLY D 200 26.71 -48.41 9.87
N LEU D 201 26.04 -48.54 8.74
CA LEU D 201 26.09 -49.77 7.96
C LEU D 201 27.46 -49.95 7.33
N SER D 202 28.05 -51.12 7.54
CA SER D 202 29.37 -51.39 6.97
C SER D 202 29.29 -51.64 5.46
N SER D 203 28.29 -52.37 5.02
CA SER D 203 28.08 -52.71 3.62
C SER D 203 26.63 -52.43 3.26
N PRO D 204 26.34 -52.21 1.97
CA PRO D 204 24.96 -51.91 1.58
C PRO D 204 24.08 -53.16 1.71
N VAL D 205 23.21 -53.13 2.70
CA VAL D 205 22.29 -54.24 2.96
C VAL D 205 21.05 -54.03 2.10
N THR D 206 20.73 -55.02 1.27
CA THR D 206 19.60 -54.95 0.34
C THR D 206 18.62 -56.07 0.66
N LYS D 207 17.34 -55.72 0.73
CA LYS D 207 16.27 -56.68 0.95
C LYS D 207 15.45 -56.76 -0.33
N SER D 208 15.16 -57.97 -0.78
CA SER D 208 14.48 -58.21 -2.05
C SER D 208 13.13 -58.87 -1.81
N PHE D 209 12.19 -58.60 -2.70
CA PHE D 209 10.86 -59.19 -2.67
C PHE D 209 10.63 -59.98 -3.95
N ASN D 210 9.90 -61.08 -3.84
CA ASN D 210 9.65 -61.97 -4.97
C ASN D 210 8.22 -61.77 -5.46
N ARG D 211 8.08 -61.51 -6.75
CA ARG D 211 6.77 -61.29 -7.35
C ARG D 211 5.98 -62.60 -7.42
#